data_7MHU
#
_entry.id   7MHU
#
_cell.length_a   141.109
_cell.length_b   141.109
_cell.length_c   54.530
_cell.angle_alpha   90.00
_cell.angle_beta   90.00
_cell.angle_gamma   90.00
#
_symmetry.space_group_name_H-M   'P 41'
#
loop_
_entity.id
_entity.type
_entity.pdbx_description
1 polymer Exo-alpha-sialidase
2 water water
#
_entity_poly.entity_id   1
_entity_poly.type   'polypeptide(L)'
_entity_poly.pdbx_seq_one_letter_code
;MDDNVNDFRPVPYPDEVVGLNPDPDFEPIWEIASPTITVFSSKASNDISYRVPAIAVTKKGSILVFCEARYGTWQDKAGR
TDILMKRSTDKGITWTEKNLTNQATSSKLSYMDPTVVVDQVTGKIFLFTSLWDAVGKESAKQGYNNRAIMYTSEDDGLNW
TRKDLTDEVEIGIFSGATRMIGSFGPGSGVQMTSSEQYKNRLIVPIRTFKVNEAAGTVSNGGNTAMWSDDNGGTWETGQP
NKSGEWMVTEAPDGALIGNIRYNGHRQNYVSTDGGAKWPSFSDYDPIALPTPAKGCAGSVIVKDGWMYYCGAKGIIETTA
HDDRGILYLAKAKFFGGHSHTFDPADHMVLYDKAAGYTCMALLPDGDMAIVAELGNEPGFQKLSTRPAEWMRLELFILST
KKPLHHHHHHHHHH
;
_entity_poly.pdbx_strand_id   A,B
#
# COMPACT_ATOMS: atom_id res chain seq x y z
N GLU A 27 33.19 9.65 1.04
CA GLU A 27 32.34 9.68 -0.14
C GLU A 27 31.12 8.79 0.07
N PRO A 28 29.92 9.38 0.00
CA PRO A 28 28.72 8.56 0.11
C PRO A 28 28.50 7.73 -1.15
N ILE A 29 28.18 6.44 -0.95
CA ILE A 29 27.91 5.52 -2.04
C ILE A 29 26.54 4.92 -1.76
N TRP A 30 25.55 5.24 -2.60
CA TRP A 30 24.18 4.86 -2.34
C TRP A 30 23.81 3.56 -3.05
N GLU A 31 22.75 2.92 -2.54
CA GLU A 31 22.25 1.69 -3.11
C GLU A 31 20.75 1.63 -2.89
N ILE A 32 20.02 1.08 -3.86
CA ILE A 32 18.59 0.85 -3.69
C ILE A 32 18.44 -0.20 -2.59
N ALA A 33 18.06 0.21 -1.38
CA ALA A 33 18.17 -0.67 -0.24
C ALA A 33 17.06 -1.71 -0.14
N SER A 34 16.12 -1.69 -1.07
CA SER A 34 15.02 -2.63 -1.04
C SER A 34 14.40 -2.77 -2.43
N PRO A 35 13.42 -3.67 -2.61
CA PRO A 35 12.61 -3.60 -3.84
C PRO A 35 11.74 -2.35 -3.85
N THR A 36 11.71 -1.67 -4.98
CA THR A 36 10.98 -0.40 -5.07
C THR A 36 9.48 -0.62 -4.89
N ILE A 37 8.83 0.40 -4.35
CA ILE A 37 7.40 0.36 -4.04
C ILE A 37 6.65 1.19 -5.08
N THR A 38 5.47 0.74 -5.47
CA THR A 38 4.62 1.43 -6.44
C THR A 38 3.52 2.15 -5.65
N VAL A 39 3.65 3.47 -5.54
CA VAL A 39 2.71 4.24 -4.73
C VAL A 39 1.44 4.56 -5.50
N PHE A 40 1.57 4.98 -6.77
CA PHE A 40 0.44 5.30 -7.61
C PHE A 40 0.62 4.56 -8.94
N SER A 41 -0.47 4.03 -9.48
CA SER A 41 -0.46 3.38 -10.79
C SER A 41 -1.61 3.96 -11.59
N SER A 42 -1.30 4.48 -12.78
CA SER A 42 -2.33 5.11 -13.60
C SER A 42 -3.23 4.06 -14.21
N LYS A 43 -4.52 4.39 -14.31
CA LYS A 43 -5.45 3.57 -15.09
C LYS A 43 -5.39 4.03 -16.55
N ALA A 44 -6.41 3.71 -17.34
CA ALA A 44 -6.45 4.17 -18.72
C ALA A 44 -6.53 5.69 -18.77
N SER A 45 -5.86 6.29 -19.74
CA SER A 45 -5.83 7.74 -19.85
C SER A 45 -7.22 8.34 -19.73
N ASN A 46 -8.21 7.66 -20.29
CA ASN A 46 -9.58 8.14 -20.30
C ASN A 46 -10.29 7.93 -18.98
N ASP A 47 -9.65 7.27 -18.01
CA ASP A 47 -10.24 7.10 -16.70
C ASP A 47 -9.60 8.09 -15.73
N ILE A 48 -8.34 7.85 -15.39
CA ILE A 48 -7.62 8.71 -14.46
C ILE A 48 -6.13 8.39 -14.58
N SER A 49 -5.31 9.43 -14.51
CA SER A 49 -3.85 9.31 -14.60
C SER A 49 -3.23 10.12 -13.48
N TYR A 50 -2.10 9.63 -12.97
CA TYR A 50 -1.42 10.25 -11.84
C TYR A 50 -0.10 10.84 -12.30
N ARG A 51 0.05 12.15 -12.14
CA ARG A 51 1.20 12.87 -12.68
C ARG A 51 1.78 13.80 -11.62
N VAL A 52 3.05 14.14 -11.83
CA VAL A 52 3.76 15.18 -11.09
C VAL A 52 3.84 14.81 -9.62
N PRO A 53 4.74 13.91 -9.23
CA PRO A 53 4.82 13.49 -7.82
C PRO A 53 5.67 14.43 -6.97
N ALA A 54 5.19 14.68 -5.75
CA ALA A 54 5.94 15.41 -4.74
C ALA A 54 5.99 14.58 -3.47
N ILE A 55 7.14 14.60 -2.79
CA ILE A 55 7.37 13.78 -1.61
C ILE A 55 7.91 14.65 -0.48
N ALA A 56 7.49 14.33 0.75
CA ALA A 56 7.95 15.03 1.94
C ALA A 56 8.02 14.03 3.09
N VAL A 57 9.06 14.14 3.91
CA VAL A 57 9.21 13.32 5.12
C VAL A 57 8.91 14.20 6.32
N THR A 58 7.90 13.80 7.11
CA THR A 58 7.49 14.55 8.29
C THR A 58 8.46 14.37 9.45
N LYS A 59 8.31 15.22 10.47
CA LYS A 59 9.16 15.17 11.65
C LYS A 59 9.14 13.78 12.30
N LYS A 60 7.96 13.22 12.46
CA LYS A 60 7.80 11.90 13.06
C LYS A 60 8.56 10.84 12.27
N GLY A 61 8.45 10.91 10.94
CA GLY A 61 9.12 9.96 10.07
C GLY A 61 8.17 9.38 9.04
N SER A 62 7.01 10.01 8.89
CA SER A 62 6.01 9.57 7.94
C SER A 62 6.28 10.12 6.54
N ILE A 63 6.11 9.27 5.53
CA ILE A 63 6.33 9.67 4.15
C ILE A 63 5.00 10.11 3.56
N LEU A 64 4.98 11.28 2.95
CA LEU A 64 3.82 11.78 2.23
C LEU A 64 4.19 11.94 0.76
N VAL A 65 3.43 11.27 -0.11
CA VAL A 65 3.63 11.37 -1.55
C VAL A 65 2.39 12.02 -2.14
N PHE A 66 2.58 13.18 -2.77
CA PHE A 66 1.50 13.89 -3.42
C PHE A 66 1.60 13.74 -4.93
N CYS A 67 0.46 13.88 -5.60
CA CYS A 67 0.43 13.76 -7.06
C CYS A 67 -0.80 14.43 -7.62
N GLU A 68 -0.78 14.66 -8.94
CA GLU A 68 -1.94 15.18 -9.67
C GLU A 68 -2.81 14.03 -10.16
N ALA A 69 -4.12 14.10 -9.89
CA ALA A 69 -5.07 13.10 -10.36
C ALA A 69 -5.90 13.70 -11.50
N ARG A 70 -5.55 13.35 -12.73
CA ARG A 70 -6.16 13.92 -13.92
C ARG A 70 -7.26 12.97 -14.41
N TYR A 71 -8.51 13.41 -14.33
CA TYR A 71 -9.64 12.60 -14.70
C TYR A 71 -9.96 12.73 -16.17
N GLY A 72 -10.31 11.60 -16.80
CA GLY A 72 -10.83 11.59 -18.14
C GLY A 72 -9.81 11.82 -19.24
N THR A 73 -8.63 12.35 -18.90
CA THR A 73 -7.64 12.68 -19.91
C THR A 73 -6.27 12.67 -19.26
N TRP A 74 -5.24 12.62 -20.11
CA TRP A 74 -3.87 12.75 -19.67
C TRP A 74 -3.30 14.15 -19.88
N GLN A 75 -3.98 14.99 -20.66
CA GLN A 75 -3.41 16.24 -21.11
C GLN A 75 -3.39 17.29 -20.00
N ASP A 76 -2.38 18.14 -20.05
CA ASP A 76 -2.33 19.29 -19.15
C ASP A 76 -3.58 20.14 -19.31
N LYS A 77 -4.04 20.72 -18.19
CA LYS A 77 -5.06 21.77 -18.19
C LYS A 77 -6.24 21.43 -19.09
N ALA A 78 -6.60 20.15 -19.15
CA ALA A 78 -7.64 19.69 -20.06
C ALA A 78 -8.94 19.31 -19.39
N GLY A 79 -9.04 19.44 -18.06
CA GLY A 79 -10.28 19.11 -17.39
C GLY A 79 -10.09 19.06 -15.88
N ARG A 80 -10.98 18.34 -15.23
CA ARG A 80 -11.00 18.31 -13.77
C ARG A 80 -9.78 17.57 -13.23
N THR A 81 -9.38 17.94 -12.02
CA THR A 81 -8.19 17.41 -11.40
C THR A 81 -8.31 17.56 -9.89
N ASP A 82 -7.72 16.63 -9.16
CA ASP A 82 -7.60 16.70 -7.71
C ASP A 82 -6.13 16.54 -7.33
N ILE A 83 -5.77 16.97 -6.13
CA ILE A 83 -4.48 16.65 -5.54
C ILE A 83 -4.67 15.52 -4.55
N LEU A 84 -3.87 14.47 -4.68
CA LEU A 84 -3.99 13.28 -3.85
C LEU A 84 -2.72 13.10 -3.04
N MET A 85 -2.84 12.44 -1.89
CA MET A 85 -1.71 12.15 -1.03
C MET A 85 -1.84 10.74 -0.46
N LYS A 86 -0.72 10.00 -0.46
CA LYS A 86 -0.62 8.70 0.20
C LYS A 86 0.41 8.79 1.30
N ARG A 87 0.07 8.34 2.49
CA ARG A 87 0.88 8.52 3.68
C ARG A 87 1.27 7.16 4.25
N SER A 88 2.55 7.01 4.60
CA SER A 88 3.07 5.78 5.16
C SER A 88 3.91 6.09 6.39
N THR A 89 3.64 5.37 7.47
CA THR A 89 4.37 5.53 8.72
C THR A 89 5.53 4.56 8.84
N ASP A 90 5.74 3.68 7.88
CA ASP A 90 6.68 2.58 8.00
C ASP A 90 7.49 2.41 6.72
N LYS A 91 8.00 3.51 6.18
CA LYS A 91 8.85 3.49 5.00
C LYS A 91 8.18 2.75 3.83
N GLY A 92 6.88 2.94 3.69
CA GLY A 92 6.18 2.51 2.49
C GLY A 92 5.62 1.11 2.52
N ILE A 93 5.67 0.42 3.66
CA ILE A 93 5.08 -0.91 3.74
C ILE A 93 3.56 -0.81 3.69
N THR A 94 2.98 0.08 4.48
CA THR A 94 1.55 0.32 4.45
C THR A 94 1.28 1.80 4.17
N TRP A 95 0.14 2.06 3.52
CA TRP A 95 -0.21 3.41 3.12
C TRP A 95 -1.67 3.68 3.43
N THR A 96 -1.98 4.96 3.59
CA THR A 96 -3.35 5.47 3.57
C THR A 96 -3.43 6.51 2.47
N GLU A 97 -4.60 6.67 1.85
CA GLU A 97 -4.78 7.64 0.79
C GLU A 97 -5.81 8.67 1.22
N LYS A 98 -5.60 9.91 0.80
CA LYS A 98 -6.54 10.99 1.04
C LYS A 98 -6.62 11.83 -0.23
N ASN A 99 -7.79 12.46 -0.43
CA ASN A 99 -8.00 13.40 -1.52
C ASN A 99 -8.10 14.78 -0.89
N LEU A 100 -7.10 15.62 -1.13
CA LEU A 100 -7.03 16.90 -0.45
C LEU A 100 -8.00 17.92 -1.01
N THR A 101 -8.25 17.86 -2.32
CA THR A 101 -9.01 18.90 -3.01
C THR A 101 -10.50 18.57 -3.09
N ASN A 102 -10.83 17.36 -3.53
CA ASN A 102 -12.21 16.90 -3.60
C ASN A 102 -13.09 17.88 -4.38
N GLN A 103 -12.85 17.92 -5.68
CA GLN A 103 -13.61 18.77 -6.59
C GLN A 103 -14.88 18.05 -7.02
N ALA A 104 -15.98 18.79 -7.07
CA ALA A 104 -17.20 18.23 -7.62
C ALA A 104 -16.94 17.76 -9.04
N THR A 105 -17.55 16.63 -9.42
CA THR A 105 -17.35 16.11 -10.77
C THR A 105 -17.71 17.14 -11.83
N SER A 106 -18.54 18.13 -11.48
CA SER A 106 -18.88 19.19 -12.42
C SER A 106 -17.70 20.11 -12.70
N SER A 107 -16.76 20.21 -11.77
CA SER A 107 -15.69 21.19 -11.90
C SER A 107 -14.92 21.01 -13.21
N LYS A 108 -14.54 22.14 -13.81
CA LYS A 108 -13.67 22.16 -14.98
C LYS A 108 -12.35 22.87 -14.67
N LEU A 109 -11.96 22.90 -13.40
CA LEU A 109 -10.70 23.46 -12.94
C LEU A 109 -9.63 22.38 -12.81
N SER A 110 -8.38 22.80 -12.77
CA SER A 110 -7.26 21.88 -12.76
C SER A 110 -6.26 22.31 -11.69
N TYR A 111 -6.15 21.51 -10.63
CA TYR A 111 -5.07 21.66 -9.66
C TYR A 111 -3.79 21.10 -10.26
N MET A 112 -2.68 21.80 -10.08
CA MET A 112 -1.43 21.37 -10.68
C MET A 112 -0.25 21.66 -9.76
N ASP A 113 0.86 20.99 -10.07
CA ASP A 113 2.18 21.29 -9.50
C ASP A 113 2.16 21.30 -7.96
N PRO A 114 1.86 20.16 -7.34
CA PRO A 114 1.99 20.07 -5.88
C PRO A 114 3.43 20.35 -5.45
N THR A 115 3.58 21.30 -4.52
CA THR A 115 4.89 21.69 -4.01
C THR A 115 4.83 21.76 -2.50
N VAL A 116 5.73 21.06 -1.83
CA VAL A 116 5.63 20.77 -0.41
C VAL A 116 6.89 21.18 0.32
N VAL A 117 6.72 21.63 1.56
CA VAL A 117 7.83 21.95 2.46
C VAL A 117 7.35 21.67 3.88
N VAL A 118 8.26 21.19 4.72
CA VAL A 118 7.95 20.81 6.09
C VAL A 118 8.69 21.72 7.04
N ASP A 119 7.97 22.26 8.02
CA ASP A 119 8.55 23.07 9.09
C ASP A 119 9.14 22.15 10.15
N GLN A 120 10.47 22.05 10.18
CA GLN A 120 11.14 21.16 11.13
C GLN A 120 11.17 21.72 12.54
N VAL A 121 10.50 22.85 12.78
CA VAL A 121 10.32 23.37 14.13
C VAL A 121 8.98 22.84 14.63
N THR A 122 7.90 23.29 13.99
CA THR A 122 6.56 22.89 14.36
C THR A 122 6.14 21.55 13.78
N GLY A 123 6.90 21.00 12.85
CA GLY A 123 6.45 19.83 12.13
C GLY A 123 5.25 20.07 11.25
N LYS A 124 4.79 21.32 11.15
CA LYS A 124 3.68 21.64 10.27
C LYS A 124 4.10 21.44 8.82
N ILE A 125 3.18 20.93 8.01
CA ILE A 125 3.47 20.59 6.62
C ILE A 125 2.65 21.52 5.73
N PHE A 126 3.30 22.07 4.72
CA PHE A 126 2.66 22.99 3.78
C PHE A 126 2.70 22.37 2.39
N LEU A 127 1.56 22.37 1.69
CA LEU A 127 1.52 21.97 0.29
C LEU A 127 0.86 23.06 -0.55
N PHE A 128 1.52 23.44 -1.65
CA PHE A 128 1.05 24.51 -2.52
C PHE A 128 0.68 23.95 -3.89
N THR A 129 -0.40 24.48 -4.47
CA THR A 129 -0.88 24.04 -5.77
C THR A 129 -1.59 25.18 -6.46
N SER A 130 -1.44 25.24 -7.78
CA SER A 130 -2.07 26.26 -8.60
C SER A 130 -3.39 25.74 -9.15
N LEU A 131 -4.43 26.57 -9.06
CA LEU A 131 -5.77 26.21 -9.55
C LEU A 131 -6.03 26.97 -10.85
N TRP A 132 -5.99 26.25 -11.96
CA TRP A 132 -6.18 26.86 -13.26
C TRP A 132 -7.65 26.78 -13.67
N ASP A 133 -8.07 27.74 -14.50
CA ASP A 133 -9.35 27.72 -15.19
C ASP A 133 -9.04 27.79 -16.69
N ALA A 134 -8.54 26.69 -17.23
CA ALA A 134 -7.85 26.69 -18.52
C ALA A 134 -8.50 25.82 -19.58
N VAL A 135 -9.60 25.14 -19.27
CA VAL A 135 -10.19 24.22 -20.24
C VAL A 135 -10.75 25.04 -21.39
N GLY A 136 -10.26 24.79 -22.60
CA GLY A 136 -10.72 25.45 -23.80
C GLY A 136 -10.06 26.78 -24.10
N LYS A 137 -9.64 27.51 -23.07
CA LYS A 137 -9.04 28.81 -23.30
C LYS A 137 -7.75 28.66 -24.13
N GLU A 138 -7.35 29.77 -24.74
CA GLU A 138 -6.11 29.77 -25.52
C GLU A 138 -4.90 29.79 -24.58
N SER A 139 -3.76 29.35 -25.11
CA SER A 139 -2.58 29.11 -24.27
C SER A 139 -2.22 30.33 -23.44
N ALA A 140 -2.36 31.53 -24.02
CA ALA A 140 -1.96 32.75 -23.31
C ALA A 140 -2.96 33.17 -22.25
N LYS A 141 -4.19 32.69 -22.33
CA LYS A 141 -5.22 33.00 -21.35
C LYS A 141 -5.52 31.85 -20.41
N GLN A 142 -4.94 30.67 -20.64
CA GLN A 142 -5.21 29.52 -19.78
C GLN A 142 -4.84 29.83 -18.32
N GLY A 143 -3.70 30.48 -18.10
CA GLY A 143 -3.23 30.79 -16.77
C GLY A 143 -3.69 32.10 -16.18
N TYR A 144 -4.58 32.83 -16.87
CA TYR A 144 -4.96 34.17 -16.44
C TYR A 144 -5.69 34.16 -15.10
N ASN A 145 -6.53 33.15 -14.85
CA ASN A 145 -7.36 33.12 -13.66
C ASN A 145 -6.74 32.30 -12.53
N ASN A 146 -5.46 31.99 -12.62
CA ASN A 146 -4.83 31.10 -11.64
C ASN A 146 -4.95 31.64 -10.23
N ARG A 147 -5.24 30.73 -9.29
CA ARG A 147 -5.27 31.02 -7.87
C ARG A 147 -4.17 30.22 -7.19
N ALA A 148 -3.49 30.83 -6.22
CA ALA A 148 -2.44 30.17 -5.46
C ALA A 148 -3.04 29.61 -4.18
N ILE A 149 -3.12 28.28 -4.08
CA ILE A 149 -3.78 27.61 -2.96
C ILE A 149 -2.73 26.93 -2.10
N MET A 150 -2.92 27.02 -0.79
CA MET A 150 -2.04 26.40 0.19
C MET A 150 -2.86 25.45 1.06
N TYR A 151 -2.36 24.23 1.21
CA TYR A 151 -2.91 23.26 2.15
C TYR A 151 -1.86 23.02 3.24
N THR A 152 -2.25 23.21 4.48
CA THR A 152 -1.38 22.97 5.62
C THR A 152 -1.96 21.87 6.48
N SER A 153 -1.07 21.12 7.14
CA SER A 153 -1.47 20.05 8.05
C SER A 153 -0.58 20.11 9.28
N GLU A 154 -1.19 20.09 10.45
CA GLU A 154 -0.46 20.13 11.71
C GLU A 154 -0.46 18.79 12.43
N ASP A 155 -1.08 17.76 11.85
CA ASP A 155 -1.14 16.43 12.45
C ASP A 155 -0.57 15.41 11.48
N ASP A 156 0.67 15.65 11.06
CA ASP A 156 1.45 14.68 10.30
C ASP A 156 0.74 14.21 9.04
N GLY A 157 -0.12 15.04 8.47
CA GLY A 157 -0.80 14.74 7.22
C GLY A 157 -2.18 14.16 7.34
N LEU A 158 -2.68 13.96 8.56
CA LEU A 158 -4.00 13.38 8.74
C LEU A 158 -5.10 14.34 8.33
N ASN A 159 -4.96 15.62 8.68
CA ASN A 159 -5.96 16.64 8.35
C ASN A 159 -5.28 17.86 7.77
N TRP A 160 -5.99 18.54 6.86
CA TRP A 160 -5.44 19.64 6.09
C TRP A 160 -6.39 20.82 6.10
N THR A 161 -5.81 22.01 6.23
CA THR A 161 -6.56 23.26 6.14
C THR A 161 -6.22 23.96 4.83
N ARG A 162 -7.25 24.47 4.15
CA ARG A 162 -7.09 25.14 2.87
C ARG A 162 -7.13 26.65 3.04
N LYS A 163 -6.31 27.34 2.26
CA LYS A 163 -6.16 28.79 2.36
C LYS A 163 -5.73 29.34 1.01
N ASP A 164 -6.52 30.26 0.47
CA ASP A 164 -6.25 30.85 -0.84
C ASP A 164 -5.39 32.09 -0.67
N LEU A 165 -4.12 32.00 -1.08
CA LEU A 165 -3.18 33.10 -0.92
C LEU A 165 -3.16 34.04 -2.11
N THR A 166 -4.01 33.82 -3.11
CA THR A 166 -3.92 34.60 -4.35
C THR A 166 -3.89 36.10 -4.07
N ASP A 167 -4.64 36.56 -3.07
CA ASP A 167 -4.80 37.98 -2.82
C ASP A 167 -4.02 38.49 -1.62
N GLU A 168 -3.57 37.61 -0.72
CA GLU A 168 -2.74 38.10 0.37
C GLU A 168 -1.29 38.32 -0.08
N VAL A 169 -0.79 37.44 -0.95
CA VAL A 169 0.62 37.42 -1.31
C VAL A 169 0.78 38.27 -2.56
N GLU A 170 1.45 39.40 -2.41
CA GLU A 170 1.65 40.36 -3.49
C GLU A 170 3.03 40.16 -4.12
N ILE A 171 3.09 40.35 -5.43
CA ILE A 171 4.35 40.31 -6.17
C ILE A 171 4.72 41.73 -6.57
N GLY A 172 6.00 42.06 -6.40
CA GLY A 172 6.46 43.40 -6.70
C GLY A 172 6.27 43.76 -8.16
N ILE A 173 6.09 45.05 -8.40
CA ILE A 173 6.08 45.58 -9.76
C ILE A 173 7.51 45.85 -10.17
N PHE A 174 7.96 45.17 -11.22
CA PHE A 174 9.35 45.25 -11.68
C PHE A 174 9.37 45.73 -13.12
N SER A 175 9.99 46.90 -13.34
CA SER A 175 10.01 47.54 -14.65
C SER A 175 8.58 47.78 -15.15
N GLY A 176 7.73 48.28 -14.25
CA GLY A 176 6.37 48.63 -14.58
C GLY A 176 5.44 47.45 -14.77
N ALA A 177 5.93 46.22 -14.71
CA ALA A 177 5.14 45.06 -15.09
C ALA A 177 4.30 44.56 -13.94
N THR A 178 3.06 44.19 -14.26
CA THR A 178 2.16 43.57 -13.30
C THR A 178 2.40 42.07 -13.29
N ARG A 179 2.55 41.50 -12.09
CA ARG A 179 2.85 40.09 -11.96
C ARG A 179 1.85 39.41 -11.05
N MET A 180 1.71 38.10 -11.25
CA MET A 180 0.86 37.24 -10.45
C MET A 180 1.62 35.94 -10.20
N ILE A 181 1.17 35.18 -9.21
CA ILE A 181 1.69 33.83 -9.05
C ILE A 181 1.12 32.95 -10.16
N GLY A 182 1.99 32.39 -10.99
CA GLY A 182 1.58 31.49 -12.04
C GLY A 182 1.42 30.05 -11.56
N SER A 183 2.48 29.52 -10.96
CA SER A 183 2.42 28.18 -10.38
C SER A 183 3.58 28.02 -9.40
N PHE A 184 3.78 26.78 -8.95
CA PHE A 184 4.83 26.45 -7.99
C PHE A 184 5.72 25.34 -8.56
N GLY A 185 6.97 25.31 -8.11
CA GLY A 185 7.85 24.18 -8.36
C GLY A 185 7.75 23.63 -9.77
N PRO A 186 7.26 22.39 -9.89
CA PRO A 186 6.73 21.49 -8.87
C PRO A 186 7.80 20.77 -8.04
N GLY A 187 7.38 20.06 -6.99
CA GLY A 187 8.29 19.28 -6.19
C GLY A 187 8.36 19.69 -4.74
N SER A 188 9.53 20.12 -4.28
CA SER A 188 9.72 20.48 -2.88
C SER A 188 10.41 21.84 -2.77
N GLY A 189 10.05 22.56 -1.71
CA GLY A 189 10.83 23.70 -1.25
C GLY A 189 11.87 23.27 -0.23
N VAL A 190 12.29 24.23 0.60
CA VAL A 190 13.32 23.95 1.59
C VAL A 190 13.16 24.89 2.75
N GLN A 191 13.51 24.42 3.95
CA GLN A 191 13.68 25.26 5.13
C GLN A 191 15.16 25.53 5.33
N MET A 192 15.51 26.80 5.57
CA MET A 192 16.92 27.20 5.67
C MET A 192 17.42 26.87 7.08
N THR A 193 17.96 25.67 7.24
CA THR A 193 18.47 25.18 8.52
C THR A 193 19.97 25.40 8.67
N SER A 194 20.73 25.36 7.57
CA SER A 194 22.15 25.64 7.63
C SER A 194 22.47 27.13 7.66
N SER A 195 21.53 27.98 7.25
CA SER A 195 21.76 29.42 7.22
C SER A 195 21.51 30.05 8.58
N GLU A 196 22.50 30.78 9.08
CA GLU A 196 22.29 31.61 10.26
C GLU A 196 21.57 32.91 9.91
N GLN A 197 21.91 33.50 8.76
CA GLN A 197 21.32 34.79 8.40
C GLN A 197 19.81 34.69 8.20
N TYR A 198 19.33 33.59 7.64
CA TYR A 198 17.91 33.43 7.37
C TYR A 198 17.41 32.16 8.05
N LYS A 199 17.72 32.02 9.33
CA LYS A 199 17.52 30.76 10.05
C LYS A 199 16.07 30.29 10.00
N ASN A 200 15.89 29.04 9.55
CA ASN A 200 14.60 28.37 9.58
C ASN A 200 13.57 29.06 8.69
N ARG A 201 14.03 29.87 7.74
CA ARG A 201 13.12 30.45 6.77
C ARG A 201 12.56 29.35 5.89
N LEU A 202 11.25 29.34 5.71
CA LEU A 202 10.60 28.39 4.82
C LEU A 202 10.63 28.94 3.40
N ILE A 203 11.22 28.20 2.47
CA ILE A 203 11.40 28.65 1.09
C ILE A 203 10.54 27.80 0.17
N VAL A 204 9.73 28.46 -0.64
CA VAL A 204 8.83 27.82 -1.59
C VAL A 204 9.17 28.33 -2.99
N PRO A 205 9.51 27.45 -3.94
CA PRO A 205 9.79 27.93 -5.30
C PRO A 205 8.50 28.27 -6.04
N ILE A 206 8.41 29.52 -6.51
CA ILE A 206 7.25 29.96 -7.27
C ILE A 206 7.68 30.33 -8.69
N ARG A 207 6.68 30.38 -9.57
CA ARG A 207 6.85 30.87 -10.94
C ARG A 207 5.81 31.95 -11.18
N THR A 208 6.25 33.13 -11.60
CA THR A 208 5.35 34.26 -11.78
C THR A 208 4.91 34.38 -13.23
N PHE A 209 3.77 35.04 -13.43
CA PHE A 209 3.28 35.42 -14.76
C PHE A 209 3.25 36.94 -14.87
N LYS A 210 3.68 37.46 -16.01
CA LYS A 210 3.47 38.87 -16.31
C LYS A 210 2.07 39.07 -16.90
N VAL A 211 1.29 39.96 -16.31
CA VAL A 211 -0.11 40.13 -16.70
C VAL A 211 -0.22 41.21 -17.76
N ASN A 212 -0.91 40.91 -18.86
CA ASN A 212 -1.33 41.89 -19.84
C ASN A 212 -2.84 42.11 -19.64
N GLU A 213 -3.19 43.20 -18.96
CA GLU A 213 -4.57 43.46 -18.61
C GLU A 213 -5.42 43.91 -19.78
N ALA A 214 -4.81 44.41 -20.85
CA ALA A 214 -5.56 44.87 -22.02
C ALA A 214 -5.85 43.77 -23.03
N ALA A 215 -5.15 42.63 -22.94
CA ALA A 215 -5.43 41.49 -23.79
C ALA A 215 -6.00 40.30 -23.03
N GLY A 216 -5.95 40.33 -21.70
CA GLY A 216 -6.40 39.17 -20.94
C GLY A 216 -5.47 38.00 -20.99
N THR A 217 -4.19 38.22 -21.28
CA THR A 217 -3.21 37.16 -21.43
C THR A 217 -2.14 37.28 -20.36
N VAL A 218 -1.34 36.23 -20.24
CA VAL A 218 -0.21 36.18 -19.31
C VAL A 218 0.98 35.61 -20.07
N SER A 219 2.17 35.94 -19.58
CA SER A 219 3.41 35.37 -20.08
C SER A 219 4.33 35.10 -18.91
N ASN A 220 5.39 34.35 -19.16
CA ASN A 220 6.32 33.97 -18.10
C ASN A 220 6.93 35.21 -17.48
N GLY A 221 6.91 35.27 -16.16
CA GLY A 221 7.46 36.43 -15.47
C GLY A 221 8.76 36.15 -14.75
N GLY A 222 9.20 34.90 -14.77
CA GLY A 222 10.41 34.52 -14.06
C GLY A 222 10.12 33.89 -12.70
N ASN A 223 11.12 33.19 -12.18
CA ASN A 223 11.00 32.47 -10.92
C ASN A 223 11.65 33.23 -9.77
N THR A 224 11.05 33.10 -8.59
CA THR A 224 11.65 33.60 -7.36
C THR A 224 11.17 32.75 -6.20
N ALA A 225 11.52 33.15 -4.99
CA ALA A 225 11.10 32.45 -3.80
C ALA A 225 9.91 33.16 -3.15
N MET A 226 9.03 32.36 -2.57
CA MET A 226 8.05 32.80 -1.59
C MET A 226 8.49 32.23 -0.25
N TRP A 227 8.62 33.08 0.77
CA TRP A 227 9.19 32.63 2.03
C TRP A 227 8.37 33.13 3.21
N SER A 228 8.55 32.44 4.33
CA SER A 228 7.93 32.80 5.59
C SER A 228 8.96 32.63 6.70
N ASP A 229 9.10 33.65 7.54
CA ASP A 229 9.96 33.59 8.71
C ASP A 229 9.16 33.33 9.98
N ASP A 230 7.84 33.18 9.86
CA ASP A 230 6.96 32.95 11.00
C ASP A 230 6.15 31.68 10.82
N ASN A 231 6.81 30.60 10.42
CA ASN A 231 6.19 29.28 10.33
C ASN A 231 4.89 29.32 9.52
N GLY A 232 4.85 30.15 8.48
CA GLY A 232 3.73 30.15 7.56
C GLY A 232 2.63 31.13 7.86
N GLY A 233 2.76 31.95 8.90
CA GLY A 233 1.73 32.94 9.16
C GLY A 233 1.64 33.99 8.07
N THR A 234 2.79 34.43 7.55
CA THR A 234 2.86 35.43 6.49
C THR A 234 3.86 34.95 5.44
N TRP A 235 3.60 35.33 4.18
CA TRP A 235 4.42 34.92 3.05
C TRP A 235 4.83 36.14 2.25
N GLU A 236 6.10 36.15 1.84
CA GLU A 236 6.70 37.26 1.12
C GLU A 236 7.43 36.71 -0.09
N THR A 237 7.46 37.49 -1.17
CA THR A 237 8.09 37.09 -2.41
C THR A 237 9.29 37.96 -2.71
N GLY A 238 10.17 37.44 -3.56
CA GLY A 238 11.34 38.12 -4.00
C GLY A 238 11.24 38.60 -5.43
N GLN A 239 12.41 38.80 -6.06
CA GLN A 239 12.44 39.31 -7.42
C GLN A 239 12.57 38.17 -8.41
N PRO A 240 11.68 38.06 -9.39
CA PRO A 240 11.80 36.98 -10.38
C PRO A 240 12.94 37.22 -11.35
N ASN A 241 13.37 36.14 -11.99
CA ASN A 241 14.41 36.22 -13.01
C ASN A 241 14.14 35.19 -14.12
N LYS A 242 14.70 34.00 -13.97
CA LYS A 242 14.53 32.96 -14.97
C LYS A 242 13.22 32.20 -14.76
N SER A 243 12.70 31.64 -15.84
CA SER A 243 11.44 30.91 -15.82
C SER A 243 11.67 29.43 -16.08
N GLY A 244 10.69 28.61 -15.68
CA GLY A 244 10.74 27.17 -15.92
C GLY A 244 10.40 26.36 -14.69
N GLU A 245 9.95 25.12 -14.88
CA GLU A 245 9.72 24.22 -13.76
C GLU A 245 11.02 24.06 -12.97
N TRP A 246 10.93 24.12 -11.65
CA TRP A 246 12.16 24.10 -10.86
C TRP A 246 11.89 23.68 -9.42
N MET A 247 12.98 23.38 -8.71
CA MET A 247 12.99 23.06 -7.29
C MET A 247 14.16 23.78 -6.64
N VAL A 248 14.18 23.82 -5.32
CA VAL A 248 15.20 24.56 -4.58
C VAL A 248 15.61 23.77 -3.35
N THR A 249 16.90 23.84 -3.01
CA THR A 249 17.48 23.23 -1.82
C THR A 249 18.46 24.23 -1.22
N GLU A 250 19.01 23.90 -0.06
CA GLU A 250 19.90 24.82 0.66
C GLU A 250 21.29 24.19 0.80
N ALA A 251 22.31 24.96 0.47
CA ALA A 251 23.68 24.51 0.58
C ALA A 251 24.14 24.60 2.03
N PRO A 252 25.29 23.97 2.35
CA PRO A 252 25.81 24.08 3.73
C PRO A 252 26.10 25.52 4.16
N ASP A 253 26.32 26.42 3.21
CA ASP A 253 26.64 27.81 3.52
C ASP A 253 25.41 28.71 3.47
N GLY A 254 24.21 28.13 3.51
CA GLY A 254 22.99 28.91 3.50
C GLY A 254 22.57 29.43 2.15
N ALA A 255 23.35 29.20 1.11
CA ALA A 255 22.94 29.63 -0.22
C ALA A 255 21.79 28.75 -0.71
N LEU A 256 20.80 29.39 -1.31
CA LEU A 256 19.71 28.66 -1.93
C LEU A 256 20.11 28.25 -3.34
N ILE A 257 20.02 26.97 -3.65
CA ILE A 257 20.46 26.43 -4.93
C ILE A 257 19.25 25.86 -5.66
N GLY A 258 18.84 26.53 -6.73
CA GLY A 258 17.75 26.06 -7.55
C GLY A 258 18.24 25.40 -8.82
N ASN A 259 17.34 24.66 -9.44
CA ASN A 259 17.65 23.93 -10.68
C ASN A 259 16.43 23.99 -11.58
N ILE A 260 16.59 24.65 -12.73
CA ILE A 260 15.46 24.98 -13.60
C ILE A 260 15.46 24.06 -14.82
N ARG A 261 14.28 23.59 -15.19
CA ARG A 261 14.14 22.77 -16.38
C ARG A 261 14.24 23.60 -17.65
N TYR A 262 15.10 23.16 -18.57
CA TYR A 262 15.16 23.71 -19.91
C TYR A 262 15.18 22.55 -20.91
N ASN A 263 14.96 22.89 -22.18
CA ASN A 263 15.10 21.91 -23.26
C ASN A 263 16.58 21.57 -23.45
N GLY A 264 16.95 20.34 -23.10
CA GLY A 264 18.30 19.86 -23.34
C GLY A 264 19.34 20.22 -22.31
N HIS A 265 18.96 20.93 -21.25
CA HIS A 265 19.93 21.31 -20.23
C HIS A 265 19.21 21.69 -18.95
N ARG A 266 19.95 21.66 -17.85
CA ARG A 266 19.52 22.15 -16.54
C ARG A 266 20.25 23.45 -16.27
N GLN A 267 19.58 24.39 -15.58
CA GLN A 267 20.17 25.68 -15.24
C GLN A 267 20.28 25.81 -13.73
N ASN A 268 21.48 26.14 -13.26
CA ASN A 268 21.71 26.49 -11.86
C ASN A 268 21.19 27.89 -11.58
N TYR A 269 20.70 28.08 -10.36
CA TYR A 269 19.90 29.27 -10.02
C TYR A 269 20.07 29.54 -8.52
N VAL A 270 20.91 30.50 -8.18
CA VAL A 270 21.44 30.63 -6.83
C VAL A 270 21.01 31.96 -6.23
N SER A 271 20.54 31.91 -4.98
CA SER A 271 20.25 33.09 -4.17
C SER A 271 21.02 32.99 -2.87
N THR A 272 21.78 34.04 -2.55
CA THR A 272 22.54 34.12 -1.30
C THR A 272 21.89 35.03 -0.27
N ASP A 273 20.75 35.63 -0.58
CA ASP A 273 20.06 36.55 0.33
C ASP A 273 18.69 36.00 0.70
N GLY A 274 18.60 34.68 0.88
CA GLY A 274 17.38 34.10 1.41
C GLY A 274 16.19 34.09 0.47
N GLY A 275 16.43 34.12 -0.84
CA GLY A 275 15.38 34.03 -1.82
C GLY A 275 14.93 35.36 -2.41
N ALA A 276 15.43 36.48 -1.89
CA ALA A 276 14.97 37.77 -2.36
C ALA A 276 15.41 38.05 -3.79
N LYS A 277 16.63 37.63 -4.16
CA LYS A 277 17.19 37.92 -5.48
C LYS A 277 17.95 36.71 -5.99
N TRP A 278 17.98 36.56 -7.32
CA TRP A 278 18.52 35.37 -7.97
C TRP A 278 19.43 35.79 -9.12
N PRO A 279 20.58 36.38 -8.81
CA PRO A 279 21.42 36.96 -9.87
C PRO A 279 22.39 35.98 -10.51
N SER A 280 22.70 34.89 -9.83
CA SER A 280 23.67 33.91 -10.29
C SER A 280 22.95 32.77 -10.99
N PHE A 281 23.42 32.44 -12.19
CA PHE A 281 22.87 31.32 -12.93
C PHE A 281 23.86 30.90 -13.99
N SER A 282 23.78 29.63 -14.38
CA SER A 282 24.62 29.05 -15.42
C SER A 282 24.01 27.73 -15.83
N ASP A 283 24.22 27.33 -17.08
CA ASP A 283 23.67 26.07 -17.58
C ASP A 283 24.64 24.94 -17.33
N TYR A 284 24.14 23.80 -16.86
CA TYR A 284 24.96 22.60 -16.72
C TYR A 284 25.19 21.99 -18.08
N ASP A 285 26.41 21.52 -18.32
CA ASP A 285 26.69 20.77 -19.54
C ASP A 285 25.80 19.53 -19.57
N PRO A 286 25.30 19.13 -20.73
CA PRO A 286 24.46 17.91 -20.77
C PRO A 286 25.18 16.68 -20.28
N ILE A 287 26.52 16.66 -20.33
CA ILE A 287 27.25 15.50 -19.85
C ILE A 287 27.25 15.44 -18.33
N ALA A 288 27.22 16.60 -17.66
CA ALA A 288 27.16 16.61 -16.20
C ALA A 288 25.76 16.30 -15.69
N LEU A 289 24.76 16.94 -16.28
CA LEU A 289 23.35 16.66 -15.94
C LEU A 289 22.58 16.55 -17.24
N PRO A 290 22.46 15.35 -17.78
CA PRO A 290 21.65 15.17 -18.99
C PRO A 290 20.16 15.27 -18.72
N THR A 291 19.41 15.63 -19.75
CA THR A 291 17.96 15.73 -19.67
C THR A 291 17.38 15.51 -21.06
N PRO A 292 16.09 15.18 -21.16
CA PRO A 292 15.48 14.99 -22.48
C PRO A 292 15.57 16.25 -23.33
N ALA A 293 15.57 16.05 -24.65
CA ALA A 293 15.67 17.18 -25.58
C ALA A 293 14.55 18.18 -25.37
N LYS A 294 13.35 17.69 -25.08
CA LYS A 294 12.21 18.54 -24.78
C LYS A 294 12.07 18.80 -23.29
N GLY A 295 13.09 18.50 -22.51
CA GLY A 295 13.11 18.84 -21.11
C GLY A 295 12.24 17.94 -20.26
N CYS A 296 12.53 17.93 -18.96
CA CYS A 296 11.70 17.22 -18.00
C CYS A 296 11.99 17.79 -16.61
N ALA A 297 10.96 17.81 -15.79
CA ALA A 297 11.13 18.24 -14.40
C ALA A 297 12.09 17.29 -13.68
N GLY A 298 13.06 17.86 -12.97
CA GLY A 298 13.99 17.11 -12.17
C GLY A 298 13.97 17.55 -10.71
N SER A 299 14.83 16.93 -9.92
CA SER A 299 14.81 17.09 -8.47
C SER A 299 16.20 17.40 -7.94
N VAL A 300 16.24 18.13 -6.83
CA VAL A 300 17.49 18.46 -6.16
C VAL A 300 17.32 18.36 -4.65
N ILE A 301 18.40 18.04 -3.97
CA ILE A 301 18.42 17.94 -2.51
C ILE A 301 19.87 17.91 -2.06
N VAL A 302 20.09 18.19 -0.78
CA VAL A 302 21.44 18.25 -0.22
C VAL A 302 21.49 17.35 1.01
N LYS A 303 22.57 16.59 1.15
CA LYS A 303 22.80 15.79 2.35
C LYS A 303 24.28 15.81 2.66
N ASP A 304 24.62 16.24 3.87
CA ASP A 304 25.99 16.20 4.38
C ASP A 304 26.98 16.76 3.35
N GLY A 305 26.74 18.01 2.96
CA GLY A 305 27.68 18.67 2.08
C GLY A 305 27.76 18.12 0.68
N TRP A 306 26.83 17.26 0.29
CA TRP A 306 26.77 16.75 -1.08
C TRP A 306 25.44 17.19 -1.68
N MET A 307 25.47 17.56 -2.96
CA MET A 307 24.25 17.95 -3.64
C MET A 307 23.85 16.86 -4.63
N TYR A 308 22.56 16.61 -4.74
CA TYR A 308 22.04 15.56 -5.60
C TYR A 308 21.03 16.13 -6.57
N TYR A 309 21.12 15.71 -7.82
CA TYR A 309 20.10 15.95 -8.81
C TYR A 309 19.59 14.62 -9.32
N CYS A 310 18.28 14.51 -9.50
CA CYS A 310 17.67 13.26 -9.97
C CYS A 310 16.59 13.56 -11.00
N GLY A 311 16.69 12.91 -12.15
CA GLY A 311 15.69 13.06 -13.18
C GLY A 311 15.96 12.15 -14.35
N ALA A 312 15.22 12.37 -15.43
CA ALA A 312 15.38 11.56 -16.62
C ALA A 312 16.61 11.99 -17.40
N LYS A 313 17.38 10.99 -17.85
CA LYS A 313 18.58 11.26 -18.64
C LYS A 313 18.20 11.76 -20.03
N GLY A 314 17.07 11.31 -20.56
CA GLY A 314 16.67 11.66 -21.90
C GLY A 314 17.09 10.60 -22.89
N ILE A 315 16.18 10.19 -23.77
CA ILE A 315 16.47 9.24 -24.82
C ILE A 315 15.99 9.82 -26.14
N ILE A 316 16.24 9.08 -27.22
CA ILE A 316 15.77 9.50 -28.53
C ILE A 316 14.28 9.19 -28.63
N GLU A 317 13.48 10.23 -28.81
CA GLU A 317 12.05 10.07 -28.97
C GLU A 317 11.75 9.39 -30.30
N THR A 318 10.68 8.61 -30.33
CA THR A 318 10.22 7.98 -31.56
C THR A 318 8.73 8.24 -31.70
N THR A 319 8.09 7.64 -32.70
CA THR A 319 6.66 7.83 -32.87
C THR A 319 5.87 7.16 -31.74
N ALA A 320 6.43 6.14 -31.11
CA ALA A 320 5.72 5.40 -30.07
C ALA A 320 5.81 6.07 -28.70
N HIS A 321 7.00 6.55 -28.32
CA HIS A 321 7.23 7.08 -26.99
C HIS A 321 8.01 8.38 -27.07
N ASP A 322 7.93 9.16 -25.98
CA ASP A 322 8.61 10.44 -25.90
C ASP A 322 10.08 10.21 -25.57
N ASP A 323 10.79 11.29 -25.22
CA ASP A 323 12.23 11.22 -24.99
C ASP A 323 12.58 11.06 -23.52
N ARG A 324 11.60 10.83 -22.66
CA ARG A 324 11.79 10.80 -21.21
C ARG A 324 12.09 9.37 -20.78
N GLY A 325 13.38 9.04 -20.65
CA GLY A 325 13.75 7.70 -20.23
C GLY A 325 15.04 7.68 -19.44
N ILE A 326 15.18 6.66 -18.62
CA ILE A 326 16.38 6.36 -17.85
C ILE A 326 16.50 7.24 -16.63
N LEU A 327 15.85 6.84 -15.53
CA LEU A 327 16.02 7.51 -14.24
C LEU A 327 17.47 7.38 -13.78
N TYR A 328 18.06 8.51 -13.39
CA TYR A 328 19.42 8.52 -12.86
C TYR A 328 19.48 9.49 -11.68
N LEU A 329 20.55 9.36 -10.90
CA LEU A 329 20.85 10.25 -9.79
C LEU A 329 22.30 10.67 -9.89
N ALA A 330 22.56 11.97 -9.76
CA ALA A 330 23.90 12.53 -9.82
C ALA A 330 24.24 13.15 -8.48
N LYS A 331 25.54 13.28 -8.20
CA LYS A 331 25.99 13.86 -6.95
C LYS A 331 27.24 14.69 -7.18
N ALA A 332 27.36 15.77 -6.40
CA ALA A 332 28.49 16.68 -6.46
C ALA A 332 28.82 17.16 -5.06
N LYS A 333 30.11 17.29 -4.76
CA LYS A 333 30.57 17.76 -3.46
C LYS A 333 30.74 19.27 -3.48
N PHE A 334 30.07 19.95 -2.54
CA PHE A 334 30.28 21.38 -2.37
C PHE A 334 31.72 21.65 -1.96
N PHE A 335 32.32 22.70 -2.52
CA PHE A 335 33.73 22.95 -2.20
C PHE A 335 34.14 24.42 -2.08
N GLY A 336 33.30 25.38 -2.45
CA GLY A 336 33.68 26.77 -2.34
C GLY A 336 32.59 27.60 -1.70
N GLY A 337 32.04 27.11 -0.60
CA GLY A 337 30.80 27.64 -0.06
C GLY A 337 29.64 26.83 -0.61
N HIS A 338 29.26 27.10 -1.87
CA HIS A 338 28.20 26.35 -2.52
C HIS A 338 28.56 25.99 -3.96
N SER A 339 29.82 26.10 -4.35
CA SER A 339 30.27 25.60 -5.64
C SER A 339 30.24 24.08 -5.65
N HIS A 340 30.12 23.51 -6.86
CA HIS A 340 30.02 22.06 -7.00
C HIS A 340 30.13 21.68 -8.47
N THR A 341 30.50 20.43 -8.71
CA THR A 341 30.66 19.92 -10.07
C THR A 341 30.18 18.49 -10.10
N PHE A 342 29.13 18.23 -10.87
CA PHE A 342 28.61 16.87 -11.03
C PHE A 342 29.56 16.08 -11.93
N ASP A 343 30.16 15.03 -11.38
CA ASP A 343 31.03 14.14 -12.14
C ASP A 343 30.17 13.09 -12.83
N PRO A 344 30.23 12.95 -14.16
CA PRO A 344 29.46 11.88 -14.80
C PRO A 344 29.86 10.49 -14.31
N ALA A 345 31.09 10.32 -13.82
CA ALA A 345 31.50 9.04 -13.27
C ALA A 345 30.73 8.69 -12.01
N ASP A 346 30.16 9.70 -11.34
CA ASP A 346 29.38 9.50 -10.13
C ASP A 346 27.89 9.35 -10.41
N HIS A 347 27.50 9.23 -11.68
CA HIS A 347 26.10 9.00 -12.00
C HIS A 347 25.71 7.57 -11.63
N MET A 348 24.53 7.44 -11.03
CA MET A 348 23.98 6.15 -10.62
C MET A 348 22.65 5.99 -11.33
N VAL A 349 22.59 5.06 -12.28
CA VAL A 349 21.33 4.78 -12.96
C VAL A 349 20.41 4.04 -12.02
N LEU A 350 19.13 4.41 -12.02
CA LEU A 350 18.14 3.81 -11.13
C LEU A 350 17.07 3.00 -11.87
N TYR A 351 16.92 3.22 -13.18
CA TYR A 351 15.84 2.59 -13.94
C TYR A 351 16.05 2.85 -15.42
N ASP A 352 16.05 1.80 -16.23
CA ASP A 352 16.48 1.87 -17.62
C ASP A 352 15.36 2.23 -18.59
N LYS A 353 14.11 2.24 -18.16
CA LYS A 353 12.99 2.51 -19.06
C LYS A 353 12.45 3.92 -18.85
N ALA A 354 11.15 4.12 -19.10
CA ALA A 354 10.55 5.45 -19.05
C ALA A 354 10.71 6.06 -17.67
N ALA A 355 11.20 7.30 -17.63
CA ALA A 355 11.42 8.02 -16.38
C ALA A 355 11.07 9.50 -16.60
N GLY A 356 10.27 10.05 -15.70
CA GLY A 356 9.81 11.42 -15.86
C GLY A 356 10.03 12.32 -14.65
N TYR A 357 8.93 12.88 -14.12
CA TYR A 357 9.03 13.84 -13.03
C TYR A 357 9.48 13.16 -11.74
N THR A 358 10.27 13.87 -10.95
CA THR A 358 10.87 13.29 -9.76
C THR A 358 10.81 14.27 -8.59
N CYS A 359 10.98 13.73 -7.40
CA CYS A 359 11.10 14.52 -6.18
C CYS A 359 11.86 13.68 -5.17
N MET A 360 12.53 14.35 -4.23
CA MET A 360 13.35 13.65 -3.24
C MET A 360 13.07 14.20 -1.84
N ALA A 361 13.37 13.38 -0.84
CA ALA A 361 13.24 13.77 0.55
C ALA A 361 14.28 13.00 1.36
N LEU A 362 14.57 13.49 2.55
CA LEU A 362 15.58 12.90 3.43
C LEU A 362 14.90 12.16 4.57
N LEU A 363 15.37 10.96 4.86
CA LEU A 363 14.77 10.15 5.91
C LEU A 363 15.55 10.24 7.21
N PRO A 364 14.87 10.12 8.35
CA PRO A 364 15.56 10.30 9.64
C PRO A 364 16.66 9.28 9.87
N ASP A 365 16.54 8.08 9.31
CA ASP A 365 17.52 7.03 9.48
C ASP A 365 18.72 7.18 8.56
N GLY A 366 18.85 8.32 7.89
CA GLY A 366 19.97 8.52 7.01
C GLY A 366 19.73 8.08 5.58
N ASP A 367 18.57 7.48 5.30
CA ASP A 367 18.25 7.06 3.95
C ASP A 367 17.71 8.24 3.14
N MET A 368 17.54 8.01 1.84
CA MET A 368 17.06 9.01 0.89
C MET A 368 15.88 8.42 0.15
N ALA A 369 14.75 9.10 0.21
CA ALA A 369 13.53 8.67 -0.48
C ALA A 369 13.40 9.42 -1.79
N ILE A 370 13.18 8.67 -2.87
CA ILE A 370 13.03 9.24 -4.20
C ILE A 370 11.74 8.69 -4.81
N VAL A 371 10.87 9.58 -5.28
CA VAL A 371 9.66 9.22 -5.99
C VAL A 371 9.78 9.70 -7.43
N ALA A 372 9.28 8.92 -8.36
CA ALA A 372 9.51 9.17 -9.77
C ALA A 372 8.38 8.60 -10.61
N GLU A 373 8.11 9.27 -11.72
CA GLU A 373 7.22 8.73 -12.76
C GLU A 373 7.98 7.70 -13.57
N LEU A 374 7.45 6.48 -13.66
CA LEU A 374 8.09 5.44 -14.44
C LEU A 374 7.09 4.78 -15.37
N GLY A 375 7.61 4.22 -16.47
CA GLY A 375 6.82 3.44 -17.39
C GLY A 375 7.63 2.28 -17.92
N ASN A 376 6.96 1.43 -18.70
CA ASN A 376 7.56 0.18 -19.13
C ASN A 376 8.05 0.20 -20.57
N GLU A 377 7.65 1.19 -21.38
CA GLU A 377 8.30 1.41 -22.66
C GLU A 377 9.56 2.25 -22.44
N PRO A 378 10.50 2.24 -23.40
CA PRO A 378 11.73 3.02 -23.22
C PRO A 378 11.45 4.48 -22.87
N GLY A 379 10.36 5.02 -23.42
CA GLY A 379 9.83 6.29 -22.99
C GLY A 379 8.35 6.12 -22.67
N PHE A 380 7.72 7.25 -22.37
CA PHE A 380 6.28 7.23 -22.13
C PHE A 380 5.52 7.26 -23.44
N GLN A 381 4.38 6.58 -23.45
CA GLN A 381 3.64 6.30 -24.67
C GLN A 381 2.88 7.54 -25.14
N LYS A 382 2.72 7.64 -26.45
CA LYS A 382 2.17 8.83 -27.10
C LYS A 382 0.71 8.66 -27.49
N LEU A 383 0.07 7.58 -27.08
CA LEU A 383 -1.25 7.28 -27.62
C LEU A 383 -2.29 8.28 -27.14
N SER A 384 -3.32 8.49 -27.98
CA SER A 384 -4.44 9.34 -27.59
C SER A 384 -5.09 8.86 -26.31
N THR A 385 -5.32 7.55 -26.21
CA THR A 385 -5.73 6.89 -24.99
C THR A 385 -4.65 5.87 -24.66
N ARG A 386 -4.15 5.92 -23.43
CA ARG A 386 -3.03 5.08 -23.05
C ARG A 386 -3.48 4.07 -22.00
N PRO A 387 -2.90 2.88 -22.01
CA PRO A 387 -3.45 1.77 -21.22
C PRO A 387 -3.18 1.96 -19.73
N ALA A 388 -3.87 1.16 -18.91
CA ALA A 388 -3.56 1.10 -17.50
C ALA A 388 -2.08 0.82 -17.31
N GLU A 389 -1.49 1.42 -16.28
CA GLU A 389 -0.08 1.26 -15.96
C GLU A 389 0.84 1.81 -17.05
N TRP A 390 0.34 2.73 -17.88
CA TRP A 390 1.22 3.43 -18.80
C TRP A 390 2.20 4.33 -18.07
N MET A 391 1.90 4.67 -16.81
CA MET A 391 2.82 5.39 -15.94
C MET A 391 2.48 5.05 -14.50
N ARG A 392 3.51 4.95 -13.67
CA ARG A 392 3.33 4.78 -12.23
C ARG A 392 4.24 5.74 -11.50
N LEU A 393 3.91 6.02 -10.23
CA LEU A 393 4.74 6.83 -9.34
C LEU A 393 5.43 5.87 -8.37
N GLU A 394 6.72 5.63 -8.61
CA GLU A 394 7.49 4.60 -7.92
C GLU A 394 8.37 5.21 -6.84
N LEU A 395 8.36 4.59 -5.66
CA LEU A 395 9.17 5.04 -4.54
C LEU A 395 10.47 4.25 -4.50
N PHE A 396 11.58 4.97 -4.41
CA PHE A 396 12.90 4.39 -4.20
C PHE A 396 13.39 4.72 -2.80
N ILE A 397 13.97 3.73 -2.12
CA ILE A 397 14.65 3.96 -0.84
C ILE A 397 16.12 3.62 -1.04
N LEU A 398 16.98 4.62 -0.87
CA LEU A 398 18.41 4.48 -1.04
C LEU A 398 19.11 4.52 0.31
N SER A 399 20.24 3.82 0.41
CA SER A 399 20.97 3.73 1.68
C SER A 399 22.45 3.88 1.42
N THR A 400 23.14 4.50 2.38
CA THR A 400 24.57 4.70 2.33
C THR A 400 25.25 3.56 3.06
N GLU B 27 -23.87 -7.65 27.88
CA GLU B 27 -23.81 -7.89 26.44
C GLU B 27 -22.73 -7.05 25.81
N PRO B 28 -21.73 -7.68 25.19
CA PRO B 28 -20.68 -6.90 24.52
C PRO B 28 -21.23 -6.25 23.26
N ILE B 29 -20.93 -4.96 23.10
CA ILE B 29 -21.34 -4.19 21.94
C ILE B 29 -20.09 -3.55 21.35
N TRP B 30 -19.70 -3.98 20.16
CA TRP B 30 -18.47 -3.54 19.52
C TRP B 30 -18.75 -2.41 18.55
N GLU B 31 -17.69 -1.65 18.25
CA GLU B 31 -17.70 -0.54 17.30
C GLU B 31 -16.31 -0.50 16.68
N ILE B 32 -16.24 -0.15 15.40
CA ILE B 32 -14.96 -0.02 14.74
C ILE B 32 -14.21 1.13 15.40
N ALA B 33 -13.26 0.79 16.27
CA ALA B 33 -12.62 1.75 17.16
C ALA B 33 -11.57 2.63 16.50
N SER B 34 -11.30 2.49 15.20
CA SER B 34 -10.25 3.26 14.57
C SER B 34 -10.55 3.37 13.08
N PRO B 35 -9.77 4.16 12.34
CA PRO B 35 -9.77 4.04 10.87
C PRO B 35 -9.16 2.72 10.46
N THR B 36 -9.84 2.02 9.55
CA THR B 36 -9.35 0.70 9.15
C THR B 36 -8.02 0.82 8.41
N ILE B 37 -7.20 -0.21 8.55
CA ILE B 37 -5.85 -0.23 7.99
C ILE B 37 -5.84 -1.13 6.77
N THR B 38 -5.08 -0.75 5.75
CA THR B 38 -4.91 -1.55 4.54
C THR B 38 -3.56 -2.26 4.65
N VAL B 39 -3.58 -3.54 4.99
CA VAL B 39 -2.34 -4.27 5.20
C VAL B 39 -1.77 -4.73 3.86
N PHE B 40 -2.63 -5.24 2.97
CA PHE B 40 -2.22 -5.69 1.65
C PHE B 40 -3.16 -5.12 0.59
N SER B 41 -2.59 -4.69 -0.54
CA SER B 41 -3.37 -4.23 -1.68
C SER B 41 -2.84 -4.91 -2.95
N SER B 42 -3.74 -5.54 -3.70
CA SER B 42 -3.34 -6.29 -4.88
C SER B 42 -2.98 -5.37 -6.04
N LYS B 43 -1.98 -5.77 -6.82
CA LYS B 43 -1.66 -5.11 -8.08
C LYS B 43 -2.57 -5.70 -9.16
N ALA B 44 -2.22 -5.53 -10.44
CA ALA B 44 -2.97 -6.14 -11.52
C ALA B 44 -2.88 -7.66 -11.40
N SER B 45 -3.99 -8.34 -11.73
CA SER B 45 -4.03 -9.79 -11.60
C SER B 45 -2.82 -10.45 -12.24
N ASN B 46 -2.32 -9.86 -13.34
CA ASN B 46 -1.20 -10.42 -14.08
C ASN B 46 0.14 -10.11 -13.43
N ASP B 47 0.17 -9.32 -12.36
CA ASP B 47 1.41 -9.03 -11.66
C ASP B 47 1.51 -9.86 -10.39
N ILE B 48 0.69 -9.52 -9.40
CA ILE B 48 0.69 -10.21 -8.12
C ILE B 48 -0.62 -9.87 -7.42
N SER B 49 -1.21 -10.87 -6.77
CA SER B 49 -2.45 -10.71 -6.05
C SER B 49 -2.31 -11.34 -4.67
N TYR B 50 -2.98 -10.76 -3.69
CA TYR B 50 -2.90 -11.19 -2.30
C TYR B 50 -4.24 -11.77 -1.88
N ARG B 51 -4.24 -13.04 -1.48
CA ARG B 51 -5.47 -13.77 -1.17
C ARG B 51 -5.33 -14.51 0.14
N VAL B 52 -6.49 -14.84 0.72
CA VAL B 52 -6.59 -15.75 1.85
C VAL B 52 -5.81 -15.21 3.03
N PRO B 53 -6.37 -14.26 3.79
CA PRO B 53 -5.64 -13.71 4.94
C PRO B 53 -5.81 -14.56 6.20
N ALA B 54 -4.73 -14.68 6.95
CA ALA B 54 -4.73 -15.29 8.28
C ALA B 54 -4.09 -14.29 9.23
N ILE B 55 -4.62 -14.20 10.45
CA ILE B 55 -4.17 -13.23 11.43
C ILE B 55 -3.92 -13.91 12.76
N ALA B 56 -2.88 -13.47 13.47
CA ALA B 56 -2.56 -13.99 14.79
C ALA B 56 -1.98 -12.87 15.64
N VAL B 57 -2.38 -12.83 16.91
CA VAL B 57 -1.83 -11.90 17.89
C VAL B 57 -0.88 -12.69 18.78
N THR B 58 0.39 -12.30 18.78
CA THR B 58 1.39 -13.05 19.53
C THR B 58 1.19 -12.88 21.05
N LYS B 59 2.02 -13.60 21.82
CA LYS B 59 1.97 -13.47 23.28
C LYS B 59 2.37 -12.06 23.72
N LYS B 60 3.31 -11.45 23.00
CA LYS B 60 3.78 -10.10 23.26
C LYS B 60 2.88 -9.00 22.69
N GLY B 61 1.83 -9.37 21.96
CA GLY B 61 0.87 -8.41 21.46
C GLY B 61 1.09 -7.97 20.03
N SER B 62 2.11 -8.50 19.35
CA SER B 62 2.32 -8.16 17.95
C SER B 62 1.26 -8.82 17.09
N ILE B 63 0.87 -8.11 16.03
CA ILE B 63 -0.12 -8.60 15.08
C ILE B 63 0.60 -9.12 13.85
N LEU B 64 0.26 -10.34 13.44
CA LEU B 64 0.81 -10.95 12.24
C LEU B 64 -0.32 -11.22 11.27
N VAL B 65 -0.21 -10.69 10.06
CA VAL B 65 -1.17 -10.93 8.99
C VAL B 65 -0.46 -11.71 7.89
N PHE B 66 -0.94 -12.93 7.63
CA PHE B 66 -0.40 -13.80 6.60
C PHE B 66 -1.33 -13.79 5.40
N CYS B 67 -0.77 -14.07 4.21
CA CYS B 67 -1.59 -14.12 3.02
C CYS B 67 -0.88 -14.92 1.93
N GLU B 68 -1.65 -15.32 0.92
CA GLU B 68 -1.13 -15.96 -0.28
C GLU B 68 -0.75 -14.89 -1.29
N ALA B 69 0.47 -14.95 -1.83
CA ALA B 69 0.94 -14.00 -2.86
C ALA B 69 0.96 -14.73 -4.21
N ARG B 70 -0.05 -14.44 -5.03
CA ARG B 70 -0.26 -15.16 -6.29
C ARG B 70 0.32 -14.36 -7.45
N TYR B 71 1.38 -14.89 -8.06
CA TYR B 71 2.09 -14.20 -9.14
C TYR B 71 1.48 -14.51 -10.50
N GLY B 72 1.39 -13.48 -11.33
CA GLY B 72 1.04 -13.63 -12.72
C GLY B 72 -0.43 -13.92 -12.98
N THR B 73 -1.18 -14.35 -11.96
CA THR B 73 -2.56 -14.75 -12.17
C THR B 73 -3.30 -14.64 -10.85
N TRP B 74 -4.62 -14.63 -10.96
CA TRP B 74 -5.50 -14.67 -9.80
C TRP B 74 -6.01 -16.08 -9.51
N GLN B 75 -5.84 -17.01 -10.44
CA GLN B 75 -6.51 -18.30 -10.35
C GLN B 75 -5.84 -19.19 -9.29
N ASP B 76 -6.67 -19.98 -8.63
CA ASP B 76 -6.15 -21.00 -7.72
C ASP B 76 -5.20 -21.92 -8.47
N LYS B 77 -4.17 -22.39 -7.75
CA LYS B 77 -3.31 -23.48 -8.24
C LYS B 77 -2.88 -23.27 -9.69
N ALA B 78 -2.66 -22.01 -10.08
CA ALA B 78 -2.36 -21.70 -11.48
C ALA B 78 -0.92 -21.28 -11.71
N GLY B 79 -0.08 -21.27 -10.67
CA GLY B 79 1.31 -20.90 -10.86
C GLY B 79 2.03 -20.71 -9.53
N ARG B 80 3.12 -19.97 -9.58
CA ARG B 80 3.99 -19.80 -8.43
C ARG B 80 3.32 -18.95 -7.37
N THR B 81 3.71 -19.18 -6.12
CA THR B 81 3.07 -18.54 -4.99
C THR B 81 4.02 -18.54 -3.80
N ASP B 82 3.90 -17.53 -2.96
CA ASP B 82 4.62 -17.45 -1.69
C ASP B 82 3.61 -17.16 -0.59
N ILE B 83 3.99 -17.50 0.64
CA ILE B 83 3.24 -17.07 1.82
C ILE B 83 3.98 -15.88 2.41
N LEU B 84 3.27 -14.78 2.63
CA LEU B 84 3.86 -13.54 3.09
C LEU B 84 3.28 -13.15 4.44
N MET B 85 4.05 -12.36 5.20
CA MET B 85 3.63 -11.88 6.50
C MET B 85 4.00 -10.43 6.67
N LYS B 86 3.07 -9.64 7.23
CA LYS B 86 3.32 -8.27 7.65
C LYS B 86 3.08 -8.20 9.16
N ARG B 87 4.06 -7.66 9.88
CA ARG B 87 4.09 -7.70 11.33
C ARG B 87 4.12 -6.29 11.89
N SER B 88 3.29 -6.05 12.91
CA SER B 88 3.19 -4.75 13.56
C SER B 88 3.24 -4.95 15.07
N THR B 89 4.11 -4.19 15.73
CA THR B 89 4.27 -4.25 17.18
C THR B 89 3.46 -3.18 17.90
N ASP B 90 2.73 -2.33 17.16
CA ASP B 90 2.09 -1.15 17.73
C ASP B 90 0.66 -1.03 17.22
N LYS B 91 -0.07 -2.14 17.27
CA LYS B 91 -1.47 -2.17 16.88
C LYS B 91 -1.68 -1.66 15.46
N GLY B 92 -0.72 -1.96 14.59
CA GLY B 92 -0.90 -1.74 13.18
C GLY B 92 -0.54 -0.38 12.65
N ILE B 93 0.04 0.49 13.49
CA ILE B 93 0.44 1.80 13.02
C ILE B 93 1.59 1.69 12.03
N THR B 94 2.61 0.91 12.40
CA THR B 94 3.75 0.65 11.55
C THR B 94 3.87 -0.85 11.33
N TRP B 95 4.39 -1.24 10.17
CA TRP B 95 4.46 -2.63 9.80
C TRP B 95 5.84 -2.97 9.26
N THR B 96 6.18 -4.25 9.38
CA THR B 96 7.33 -4.86 8.74
C THR B 96 6.80 -5.99 7.86
N GLU B 97 7.53 -6.29 6.79
CA GLU B 97 7.11 -7.32 5.83
C GLU B 97 8.15 -8.43 5.76
N LYS B 98 7.67 -9.67 5.62
CA LYS B 98 8.54 -10.82 5.43
C LYS B 98 7.89 -11.78 4.43
N ASN B 99 8.75 -12.49 3.69
CA ASN B 99 8.37 -13.56 2.79
C ASN B 99 8.90 -14.85 3.40
N LEU B 100 8.00 -15.71 3.86
CA LEU B 100 8.44 -16.91 4.58
C LEU B 100 8.93 -17.99 3.64
N THR B 101 8.33 -18.10 2.45
CA THR B 101 8.57 -19.22 1.56
C THR B 101 9.71 -18.95 0.58
N ASN B 102 9.68 -17.81 -0.09
CA ASN B 102 10.75 -17.40 -1.00
C ASN B 102 11.06 -18.49 -2.03
N GLN B 103 10.12 -18.66 -2.95
CA GLN B 103 10.27 -19.63 -4.02
C GLN B 103 11.04 -19.04 -5.19
N ALA B 104 11.93 -19.84 -5.77
CA ALA B 104 12.59 -19.43 -6.99
C ALA B 104 11.55 -19.14 -8.07
N THR B 105 11.79 -18.11 -8.87
CA THR B 105 10.84 -17.74 -9.91
C THR B 105 10.57 -18.89 -10.88
N SER B 106 11.47 -19.88 -10.94
CA SER B 106 11.21 -21.04 -11.78
C SER B 106 10.09 -21.90 -11.22
N SER B 107 9.87 -21.84 -9.91
CA SER B 107 8.91 -22.74 -9.27
C SER B 107 7.52 -22.59 -9.87
N LYS B 108 6.85 -23.73 -10.04
CA LYS B 108 5.45 -23.78 -10.43
C LYS B 108 4.63 -24.48 -9.34
N LEU B 109 5.11 -24.42 -8.11
CA LEU B 109 4.40 -24.92 -6.94
C LEU B 109 3.58 -23.78 -6.33
N SER B 110 2.59 -24.16 -5.53
CA SER B 110 1.63 -23.17 -5.02
C SER B 110 1.39 -23.42 -3.53
N TYR B 111 1.88 -22.50 -2.71
CA TYR B 111 1.51 -22.47 -1.29
C TYR B 111 0.12 -21.91 -1.14
N MET B 112 -0.67 -22.52 -0.26
CA MET B 112 -2.05 -22.07 -0.09
C MET B 112 -2.48 -22.17 1.36
N ASP B 113 -3.58 -21.49 1.64
CA ASP B 113 -4.33 -21.65 2.89
C ASP B 113 -3.45 -21.48 4.13
N PRO B 114 -2.87 -20.31 4.34
CA PRO B 114 -2.15 -20.06 5.60
C PRO B 114 -3.11 -20.24 6.78
N THR B 115 -2.70 -21.07 7.74
CA THR B 115 -3.48 -21.38 8.93
C THR B 115 -2.56 -21.31 10.13
N VAL B 116 -2.94 -20.51 11.12
CA VAL B 116 -2.03 -20.09 12.19
C VAL B 116 -2.62 -20.42 13.55
N VAL B 117 -1.75 -20.75 14.49
CA VAL B 117 -2.12 -20.94 15.89
C VAL B 117 -0.92 -20.54 16.75
N VAL B 118 -1.20 -19.95 17.92
CA VAL B 118 -0.17 -19.44 18.81
C VAL B 118 -0.21 -20.23 20.11
N ASP B 119 0.97 -20.70 20.55
CA ASP B 119 1.13 -21.38 21.84
C ASP B 119 1.26 -20.31 22.91
N GLN B 120 0.19 -20.08 23.67
CA GLN B 120 0.21 -19.03 24.69
C GLN B 120 0.98 -19.43 25.95
N VAL B 121 1.63 -20.59 25.93
CA VAL B 121 2.54 -21.00 27.01
C VAL B 121 3.93 -20.53 26.62
N THR B 122 4.48 -21.12 25.56
CA THR B 122 5.80 -20.76 25.06
C THR B 122 5.78 -19.51 24.20
N GLY B 123 4.60 -19.02 23.82
CA GLY B 123 4.55 -17.95 22.85
C GLY B 123 5.00 -18.35 21.46
N LYS B 124 5.28 -19.63 21.25
CA LYS B 124 5.67 -20.12 19.93
C LYS B 124 4.50 -19.98 18.96
N ILE B 125 4.82 -19.65 17.72
CA ILE B 125 3.83 -19.39 16.69
C ILE B 125 3.97 -20.44 15.61
N PHE B 126 2.85 -21.01 15.17
CA PHE B 126 2.85 -22.01 14.12
C PHE B 126 2.03 -21.51 12.94
N LEU B 127 2.59 -21.63 11.73
CA LEU B 127 1.85 -21.34 10.51
C LEU B 127 1.93 -22.56 9.60
N PHE B 128 0.77 -23.00 9.12
CA PHE B 128 0.67 -24.19 8.27
C PHE B 128 0.18 -23.77 6.89
N THR B 129 0.71 -24.43 5.87
CA THR B 129 0.32 -24.15 4.49
C THR B 129 0.51 -25.41 3.67
N SER B 130 -0.36 -25.61 2.68
CA SER B 130 -0.26 -26.76 1.79
C SER B 130 0.54 -26.35 0.55
N LEU B 131 1.49 -27.21 0.16
CA LEU B 131 2.34 -26.96 -1.01
C LEU B 131 1.87 -27.86 -2.14
N TRP B 132 1.21 -27.25 -3.13
CA TRP B 132 0.64 -27.99 -4.24
C TRP B 132 1.62 -28.08 -5.40
N ASP B 133 1.46 -29.15 -6.19
CA ASP B 133 2.13 -29.28 -7.49
C ASP B 133 1.01 -29.50 -8.51
N ALA B 134 0.29 -28.42 -8.85
CA ALA B 134 -0.99 -28.54 -9.52
C ALA B 134 -1.05 -27.87 -10.89
N VAL B 135 0.04 -27.26 -11.36
CA VAL B 135 0.00 -26.55 -12.63
C VAL B 135 -0.17 -27.55 -13.76
N GLY B 136 -1.25 -27.39 -14.53
CA GLY B 136 -1.52 -28.22 -15.68
C GLY B 136 -2.27 -29.50 -15.40
N LYS B 137 -2.09 -30.08 -14.21
CA LYS B 137 -2.76 -31.32 -13.88
C LYS B 137 -4.27 -31.16 -13.84
N GLU B 138 -4.97 -32.28 -13.96
CA GLU B 138 -6.42 -32.27 -13.89
C GLU B 138 -6.87 -32.14 -12.44
N SER B 139 -8.12 -31.68 -12.28
CA SER B 139 -8.60 -31.27 -10.96
C SER B 139 -8.41 -32.37 -9.93
N ALA B 140 -8.60 -33.62 -10.32
CA ALA B 140 -8.48 -34.72 -9.37
C ALA B 140 -7.05 -35.07 -9.05
N LYS B 141 -6.08 -34.66 -9.87
CA LYS B 141 -4.68 -34.95 -9.64
C LYS B 141 -3.90 -33.74 -9.13
N GLN B 142 -4.53 -32.57 -9.04
CA GLN B 142 -3.81 -31.38 -8.58
C GLN B 142 -3.24 -31.60 -7.19
N GLY B 143 -4.02 -32.22 -6.30
CA GLY B 143 -3.61 -32.39 -4.92
C GLY B 143 -2.83 -33.64 -4.60
N TYR B 144 -2.49 -34.46 -5.59
CA TYR B 144 -1.87 -35.74 -5.26
C TYR B 144 -0.52 -35.56 -4.60
N ASN B 145 0.24 -34.55 -5.03
CA ASN B 145 1.60 -34.35 -4.54
C ASN B 145 1.68 -33.36 -3.38
N ASN B 146 0.55 -33.03 -2.76
CA ASN B 146 0.53 -32.00 -1.74
C ASN B 146 1.48 -32.35 -0.60
N ARG B 147 2.17 -31.34 -0.09
CA ARG B 147 3.03 -31.45 1.08
C ARG B 147 2.45 -30.58 2.19
N ALA B 148 2.48 -31.09 3.42
CA ALA B 148 2.02 -30.34 4.59
C ALA B 148 3.24 -29.68 5.21
N ILE B 149 3.32 -28.35 5.09
CA ILE B 149 4.49 -27.59 5.53
C ILE B 149 4.11 -26.75 6.74
N MET B 150 5.01 -26.72 7.72
CA MET B 150 4.83 -25.92 8.92
C MET B 150 6.01 -24.97 9.08
N TYR B 151 5.70 -23.69 9.32
CA TYR B 151 6.68 -22.67 9.68
C TYR B 151 6.41 -22.28 11.13
N THR B 152 7.43 -22.37 11.97
CA THR B 152 7.31 -21.96 13.37
C THR B 152 8.26 -20.81 13.63
N SER B 153 7.91 -19.98 14.61
CA SER B 153 8.74 -18.84 15.00
C SER B 153 8.73 -18.76 16.52
N GLU B 154 9.92 -18.68 17.12
CA GLU B 154 10.07 -18.58 18.56
C GLU B 154 10.49 -17.19 19.00
N ASP B 155 10.62 -16.24 18.08
CA ASP B 155 10.98 -14.86 18.41
C ASP B 155 9.93 -13.91 17.82
N ASP B 156 8.67 -14.14 18.20
CA ASP B 156 7.56 -13.23 17.93
C ASP B 156 7.42 -12.91 16.45
N GLY B 157 7.87 -13.81 15.60
CA GLY B 157 7.73 -13.66 14.16
C GLY B 157 8.94 -13.10 13.45
N LEU B 158 10.03 -12.83 14.16
CA LEU B 158 11.20 -12.29 13.51
C LEU B 158 11.87 -13.33 12.60
N ASN B 159 11.95 -14.57 13.06
CA ASN B 159 12.58 -15.65 12.32
C ASN B 159 11.68 -16.88 12.35
N TRP B 160 11.74 -17.66 11.28
CA TRP B 160 10.84 -18.80 11.10
C TRP B 160 11.63 -20.03 10.69
N THR B 161 11.25 -21.17 11.27
CA THR B 161 11.81 -22.47 10.93
C THR B 161 10.81 -23.26 10.12
N ARG B 162 11.29 -23.92 9.06
CA ARG B 162 10.44 -24.69 8.17
C ARG B 162 10.52 -26.17 8.51
N LYS B 163 9.39 -26.85 8.39
CA LYS B 163 9.29 -28.26 8.77
C LYS B 163 8.22 -28.92 7.92
N ASP B 164 8.62 -29.93 7.14
CA ASP B 164 7.71 -30.67 6.28
C ASP B 164 7.19 -31.87 7.06
N LEU B 165 5.92 -31.83 7.46
CA LEU B 165 5.32 -32.89 8.25
C LEU B 165 4.63 -33.96 7.40
N THR B 166 4.76 -33.88 6.07
CA THR B 166 3.99 -34.77 5.20
C THR B 166 4.16 -36.24 5.59
N ASP B 167 5.37 -36.62 6.02
CA ASP B 167 5.68 -38.01 6.31
C ASP B 167 5.74 -38.31 7.79
N GLU B 168 5.83 -37.29 8.65
CA GLU B 168 5.78 -37.53 10.09
C GLU B 168 4.36 -37.73 10.59
N VAL B 169 3.40 -37.01 10.02
CA VAL B 169 2.03 -36.95 10.51
C VAL B 169 1.19 -37.96 9.75
N GLU B 170 0.70 -38.96 10.47
CA GLU B 170 -0.07 -40.05 9.88
C GLU B 170 -1.56 -39.76 10.01
N ILE B 171 -2.32 -40.14 8.99
CA ILE B 171 -3.78 -40.13 9.06
C ILE B 171 -4.26 -41.58 9.13
N GLY B 172 -5.21 -41.84 10.01
CA GLY B 172 -5.71 -43.19 10.16
C GLY B 172 -6.36 -43.71 8.89
N ILE B 173 -6.32 -45.03 8.74
CA ILE B 173 -7.06 -45.70 7.67
C ILE B 173 -8.48 -45.97 8.19
N PHE B 174 -9.47 -45.37 7.53
CA PHE B 174 -10.85 -45.43 8.00
C PHE B 174 -11.72 -46.05 6.93
N SER B 175 -12.31 -47.20 7.26
CA SER B 175 -13.07 -48.01 6.31
C SER B 175 -12.23 -48.37 5.10
N GLY B 176 -10.97 -48.77 5.35
CA GLY B 176 -10.05 -49.21 4.31
C GLY B 176 -9.43 -48.12 3.47
N ALA B 177 -9.85 -46.86 3.62
CA ALA B 177 -9.44 -45.81 2.70
C ALA B 177 -8.13 -45.17 3.17
N THR B 178 -7.24 -44.94 2.20
CA THR B 178 -5.99 -44.24 2.45
C THR B 178 -6.22 -42.75 2.35
N ARG B 179 -5.72 -42.00 3.33
CA ARG B 179 -5.92 -40.56 3.39
C ARG B 179 -4.59 -39.84 3.54
N MET B 180 -4.59 -38.58 3.10
CA MET B 180 -3.45 -37.69 3.20
C MET B 180 -3.96 -36.33 3.66
N ILE B 181 -3.04 -35.50 4.14
CA ILE B 181 -3.41 -34.13 4.44
C ILE B 181 -3.59 -33.38 3.13
N GLY B 182 -4.81 -32.87 2.90
CA GLY B 182 -5.08 -32.10 1.71
C GLY B 182 -4.68 -30.65 1.89
N SER B 183 -5.20 -29.99 2.92
CA SER B 183 -4.83 -28.61 3.20
C SER B 183 -5.20 -28.28 4.63
N PHE B 184 -5.12 -27.00 4.97
CA PHE B 184 -5.43 -26.51 6.31
C PHE B 184 -6.50 -25.43 6.22
N GLY B 185 -7.28 -25.28 7.29
CA GLY B 185 -8.18 -24.16 7.45
C GLY B 185 -8.93 -23.76 6.20
N PRO B 186 -8.61 -22.59 5.64
CA PRO B 186 -7.57 -21.64 6.08
C PRO B 186 -8.01 -20.77 7.25
N GLY B 187 -7.08 -20.00 7.81
CA GLY B 187 -7.42 -19.09 8.89
C GLY B 187 -6.66 -19.35 10.17
N SER B 188 -7.38 -19.67 11.25
CA SER B 188 -6.74 -19.88 12.54
C SER B 188 -7.22 -21.19 13.15
N GLY B 189 -6.33 -21.83 13.88
CA GLY B 189 -6.68 -22.86 14.82
C GLY B 189 -6.96 -22.25 16.17
N VAL B 190 -6.81 -23.07 17.22
CA VAL B 190 -7.09 -22.63 18.57
C VAL B 190 -6.27 -23.47 19.54
N GLN B 191 -5.87 -22.85 20.64
CA GLN B 191 -5.29 -23.56 21.77
C GLN B 191 -6.38 -23.74 22.82
N MET B 192 -6.50 -24.96 23.34
CA MET B 192 -7.58 -25.30 24.26
C MET B 192 -7.20 -24.84 25.66
N THR B 193 -7.62 -23.63 26.03
CA THR B 193 -7.34 -23.07 27.34
C THR B 193 -8.47 -23.29 28.32
N SER B 194 -9.72 -23.32 27.85
CA SER B 194 -10.86 -23.57 28.72
C SER B 194 -11.02 -25.05 29.05
N SER B 195 -10.41 -25.95 28.29
CA SER B 195 -10.53 -27.37 28.54
C SER B 195 -9.55 -27.79 29.63
N GLU B 196 -10.07 -28.41 30.70
CA GLU B 196 -9.20 -29.09 31.65
C GLU B 196 -8.78 -30.46 31.12
N GLN B 197 -9.71 -31.16 30.48
CA GLN B 197 -9.42 -32.50 29.97
C GLN B 197 -8.33 -32.46 28.90
N TYR B 198 -8.30 -31.41 28.07
CA TYR B 198 -7.34 -31.32 26.98
C TYR B 198 -6.55 -30.02 27.10
N LYS B 199 -6.00 -29.78 28.29
CA LYS B 199 -5.41 -28.49 28.63
C LYS B 199 -4.29 -28.11 27.68
N ASN B 200 -4.43 -26.92 27.08
CA ASN B 200 -3.39 -26.31 26.25
C ASN B 200 -3.08 -27.11 25.00
N ARG B 201 -3.98 -28.01 24.61
CA ARG B 201 -3.80 -28.72 23.36
C ARG B 201 -3.89 -27.73 22.20
N LEU B 202 -2.91 -27.79 21.30
CA LEU B 202 -2.90 -26.98 20.10
C LEU B 202 -3.72 -27.69 19.03
N ILE B 203 -4.74 -27.02 18.50
CA ILE B 203 -5.66 -27.60 17.53
C ILE B 203 -5.46 -26.89 16.20
N VAL B 204 -5.24 -27.65 15.15
CA VAL B 204 -5.05 -27.13 13.80
C VAL B 204 -6.13 -27.73 12.91
N PRO B 205 -6.99 -26.94 12.28
CA PRO B 205 -8.03 -27.53 11.41
C PRO B 205 -7.41 -27.98 10.09
N ILE B 206 -7.55 -29.27 9.80
CA ILE B 206 -7.03 -29.81 8.55
C ILE B 206 -8.18 -30.34 7.73
N ARG B 207 -7.91 -30.51 6.43
CA ARG B 207 -8.83 -31.13 5.48
C ARG B 207 -8.08 -32.25 4.79
N THR B 208 -8.64 -33.45 4.82
CA THR B 208 -7.97 -34.62 4.28
C THR B 208 -8.41 -34.93 2.86
N PHE B 209 -7.55 -35.66 2.14
CA PHE B 209 -7.86 -36.20 0.84
C PHE B 209 -7.86 -37.73 0.92
N LYS B 210 -8.86 -38.36 0.28
CA LYS B 210 -8.82 -39.80 0.07
C LYS B 210 -7.98 -40.10 -1.17
N VAL B 211 -6.94 -40.91 -1.01
CA VAL B 211 -5.98 -41.16 -2.08
C VAL B 211 -6.42 -42.37 -2.90
N ASN B 212 -6.49 -42.21 -4.21
CA ASN B 212 -6.63 -43.33 -5.14
C ASN B 212 -5.25 -43.54 -5.75
N GLU B 213 -4.50 -44.49 -5.21
CA GLU B 213 -3.11 -44.69 -5.61
C GLU B 213 -2.99 -45.37 -6.98
N ALA B 214 -4.02 -46.09 -7.41
CA ALA B 214 -4.00 -46.75 -8.71
C ALA B 214 -4.43 -45.83 -9.84
N ALA B 215 -5.04 -44.69 -9.53
CA ALA B 215 -5.40 -43.69 -10.52
C ALA B 215 -4.58 -42.41 -10.39
N GLY B 216 -3.85 -42.24 -9.28
CA GLY B 216 -3.12 -41.02 -9.07
C GLY B 216 -3.99 -39.85 -8.71
N THR B 217 -5.19 -40.11 -8.20
CA THR B 217 -6.18 -39.07 -7.94
C THR B 217 -6.46 -38.97 -6.44
N VAL B 218 -7.15 -37.88 -6.09
CA VAL B 218 -7.59 -37.62 -4.74
C VAL B 218 -9.03 -37.12 -4.78
N SER B 219 -9.73 -37.31 -3.67
CA SER B 219 -11.06 -36.75 -3.48
C SER B 219 -11.13 -36.28 -2.03
N ASN B 220 -12.16 -35.50 -1.70
CA ASN B 220 -12.31 -34.98 -0.35
C ASN B 220 -12.47 -36.13 0.64
N GLY B 221 -11.69 -36.10 1.70
CA GLY B 221 -11.75 -37.18 2.68
C GLY B 221 -12.40 -36.77 3.97
N GLY B 222 -12.80 -35.52 4.09
CA GLY B 222 -13.40 -35.02 5.31
C GLY B 222 -12.39 -34.28 6.17
N ASN B 223 -12.92 -33.48 7.10
CA ASN B 223 -12.11 -32.64 7.97
C ASN B 223 -11.97 -33.25 9.36
N THR B 224 -10.82 -33.02 9.96
CA THR B 224 -10.58 -33.35 11.35
C THR B 224 -9.55 -32.36 11.89
N ALA B 225 -9.10 -32.60 13.12
CA ALA B 225 -8.09 -31.76 13.73
C ALA B 225 -6.73 -32.43 13.68
N MET B 226 -5.69 -31.61 13.59
CA MET B 226 -4.33 -31.99 13.89
C MET B 226 -3.95 -31.28 15.18
N TRP B 227 -3.49 -32.03 16.18
CA TRP B 227 -3.23 -31.44 17.48
C TRP B 227 -1.88 -31.86 18.02
N SER B 228 -1.39 -31.05 18.96
CA SER B 228 -0.14 -31.32 19.65
C SER B 228 -0.33 -30.99 21.11
N ASP B 229 0.03 -31.92 21.98
CA ASP B 229 0.02 -31.71 23.43
C ASP B 229 1.39 -31.36 23.97
N ASP B 230 2.41 -31.27 23.11
CA ASP B 230 3.77 -30.97 23.53
C ASP B 230 4.30 -29.76 22.77
N ASN B 231 3.48 -28.70 22.69
CA ASN B 231 3.90 -27.43 22.11
C ASN B 231 4.52 -27.61 20.73
N GLY B 232 3.98 -28.57 19.97
CA GLY B 232 4.38 -28.77 18.59
C GLY B 232 5.49 -29.77 18.37
N GLY B 233 5.97 -30.42 19.43
CA GLY B 233 6.98 -31.45 19.25
C GLY B 233 6.46 -32.64 18.48
N THR B 234 5.20 -33.01 18.72
CA THR B 234 4.55 -34.12 18.05
C THR B 234 3.17 -33.68 17.60
N TRP B 235 2.70 -34.24 16.48
CA TRP B 235 1.39 -33.90 15.92
C TRP B 235 0.62 -35.18 15.66
N GLU B 236 -0.67 -35.15 15.99
CA GLU B 236 -1.55 -36.29 15.87
C GLU B 236 -2.82 -35.84 15.17
N THR B 237 -3.42 -36.75 14.42
CA THR B 237 -4.63 -36.44 13.68
C THR B 237 -5.80 -37.25 14.23
N GLY B 238 -7.00 -36.75 13.95
CA GLY B 238 -8.22 -37.39 14.37
C GLY B 238 -8.96 -38.04 13.23
N GLN B 239 -10.26 -38.25 13.44
CA GLN B 239 -11.09 -38.95 12.47
C GLN B 239 -11.84 -37.95 11.60
N PRO B 240 -11.70 -38.03 10.27
CA PRO B 240 -12.41 -37.08 9.41
C PRO B 240 -13.89 -37.37 9.32
N ASN B 241 -14.65 -36.36 8.92
CA ASN B 241 -16.09 -36.50 8.70
C ASN B 241 -16.52 -35.62 7.53
N LYS B 242 -16.90 -34.38 7.81
CA LYS B 242 -17.38 -33.46 6.78
C LYS B 242 -16.20 -32.74 6.12
N SER B 243 -16.41 -32.31 4.88
CA SER B 243 -15.39 -31.64 4.08
C SER B 243 -15.76 -30.18 3.85
N GLY B 244 -14.73 -29.37 3.56
CA GLY B 244 -14.93 -27.96 3.23
C GLY B 244 -13.97 -27.04 3.96
N GLU B 245 -13.74 -25.85 3.40
CA GLU B 245 -12.94 -24.84 4.09
C GLU B 245 -13.57 -24.49 5.43
N TRP B 246 -12.75 -24.41 6.47
CA TRP B 246 -13.29 -24.20 7.81
C TRP B 246 -12.21 -23.66 8.76
N MET B 247 -12.68 -23.22 9.92
CA MET B 247 -11.86 -22.77 11.04
C MET B 247 -12.42 -23.38 12.31
N VAL B 248 -11.67 -23.32 13.40
CA VAL B 248 -12.08 -23.94 14.65
C VAL B 248 -11.73 -23.02 15.80
N THR B 249 -12.60 -22.99 16.81
CA THR B 249 -12.41 -22.23 18.03
C THR B 249 -12.85 -23.11 19.20
N GLU B 250 -12.68 -22.61 20.41
CA GLU B 250 -12.98 -23.38 21.61
C GLU B 250 -14.07 -22.69 22.42
N ALA B 251 -15.07 -23.47 22.83
CA ALA B 251 -16.14 -22.95 23.68
C ALA B 251 -15.67 -22.88 25.11
N PRO B 252 -16.44 -22.21 25.98
CA PRO B 252 -16.05 -22.16 27.41
C PRO B 252 -16.00 -23.52 28.09
N ASP B 253 -16.71 -24.51 27.56
CA ASP B 253 -16.73 -25.85 28.16
C ASP B 253 -15.73 -26.80 27.50
N GLY B 254 -14.75 -26.25 26.78
CA GLY B 254 -13.74 -27.08 26.16
C GLY B 254 -14.17 -27.75 24.87
N ALA B 255 -15.42 -27.60 24.46
CA ALA B 255 -15.85 -28.14 23.17
C ALA B 255 -15.21 -27.37 22.04
N LEU B 256 -14.73 -28.08 21.04
CA LEU B 256 -14.19 -27.46 19.85
C LEU B 256 -15.32 -27.14 18.89
N ILE B 257 -15.41 -25.88 18.47
CA ILE B 257 -16.51 -25.40 17.63
C ILE B 257 -15.95 -25.00 16.28
N GLY B 258 -16.22 -25.81 15.26
CA GLY B 258 -15.82 -25.51 13.91
C GLY B 258 -16.96 -24.96 13.08
N ASN B 259 -16.60 -24.32 11.96
CA ASN B 259 -17.55 -23.70 11.05
C ASN B 259 -17.08 -23.94 9.63
N ILE B 260 -17.85 -24.68 8.86
CA ILE B 260 -17.42 -25.17 7.56
C ILE B 260 -18.15 -24.39 6.46
N ARG B 261 -17.40 -24.02 5.42
CA ARG B 261 -17.97 -23.31 4.28
C ARG B 261 -18.79 -24.26 3.40
N TYR B 262 -20.02 -23.83 3.10
CA TYR B 262 -20.84 -24.50 2.12
C TYR B 262 -21.45 -23.47 1.18
N ASN B 263 -21.99 -23.94 0.07
CA ASN B 263 -22.76 -23.08 -0.84
C ASN B 263 -24.09 -22.74 -0.19
N GLY B 264 -24.26 -21.48 0.19
CA GLY B 264 -25.53 -21.02 0.71
C GLY B 264 -25.76 -21.27 2.18
N HIS B 265 -24.81 -21.87 2.90
CA HIS B 265 -25.02 -22.10 4.32
C HIS B 265 -23.66 -22.35 4.98
N ARG B 266 -23.64 -22.17 6.30
CA ARG B 266 -22.53 -22.51 7.16
C ARG B 266 -22.93 -23.75 7.96
N GLN B 267 -21.98 -24.64 8.21
CA GLN B 267 -22.25 -25.86 8.97
C GLN B 267 -21.46 -25.84 10.27
N ASN B 268 -22.16 -26.07 11.38
CA ASN B 268 -21.52 -26.26 12.67
C ASN B 268 -20.90 -27.66 12.74
N TYR B 269 -19.80 -27.78 13.48
CA TYR B 269 -18.94 -28.97 13.44
C TYR B 269 -18.23 -29.08 14.79
N VAL B 270 -18.73 -29.94 15.67
CA VAL B 270 -18.37 -29.89 17.08
C VAL B 270 -17.67 -31.18 17.50
N SER B 271 -16.55 -31.03 18.22
CA SER B 271 -15.85 -32.14 18.85
C SER B 271 -15.67 -31.87 20.34
N THR B 272 -16.08 -32.84 21.15
CA THR B 272 -15.94 -32.76 22.60
C THR B 272 -14.79 -33.60 23.15
N ASP B 273 -14.05 -34.30 22.29
CA ASP B 273 -12.95 -35.17 22.71
C ASP B 273 -11.62 -34.64 22.17
N GLY B 274 -11.46 -33.31 22.18
CA GLY B 274 -10.17 -32.71 21.88
C GLY B 274 -9.73 -32.82 20.45
N GLY B 275 -10.68 -33.01 19.52
CA GLY B 275 -10.36 -33.06 18.11
C GLY B 275 -10.32 -34.44 17.50
N ALA B 276 -10.43 -35.50 18.31
CA ALA B 276 -10.31 -36.85 17.78
C ALA B 276 -11.50 -37.21 16.90
N LYS B 277 -12.71 -36.77 17.26
CA LYS B 277 -13.91 -37.14 16.54
C LYS B 277 -14.86 -35.95 16.43
N TRP B 278 -15.66 -35.95 15.36
CA TRP B 278 -16.52 -34.80 15.03
C TRP B 278 -17.91 -35.30 14.66
N PRO B 279 -18.67 -35.82 15.63
CA PRO B 279 -19.95 -36.47 15.30
C PRO B 279 -21.12 -35.50 15.20
N SER B 280 -20.99 -34.32 15.81
CA SER B 280 -22.06 -33.34 15.85
C SER B 280 -21.89 -32.33 14.71
N PHE B 281 -22.98 -32.08 13.99
CA PHE B 281 -22.95 -31.11 12.91
C PHE B 281 -24.38 -30.68 12.62
N SER B 282 -24.53 -29.47 12.10
CA SER B 282 -25.83 -28.94 11.72
C SER B 282 -25.62 -27.69 10.87
N ASP B 283 -26.56 -27.43 9.99
CA ASP B 283 -26.51 -26.27 9.12
C ASP B 283 -27.19 -25.09 9.80
N TYR B 284 -26.57 -23.92 9.72
CA TYR B 284 -27.20 -22.70 10.19
C TYR B 284 -28.24 -22.24 9.17
N ASP B 285 -29.37 -21.74 9.67
CA ASP B 285 -30.32 -21.08 8.78
C ASP B 285 -29.62 -19.91 8.11
N PRO B 286 -29.89 -19.62 6.84
CA PRO B 286 -29.21 -18.49 6.20
C PRO B 286 -29.48 -17.14 6.85
N ILE B 287 -30.63 -16.97 7.51
CA ILE B 287 -30.90 -15.70 8.18
C ILE B 287 -30.06 -15.58 9.44
N ALA B 288 -29.69 -16.71 10.06
CA ALA B 288 -28.83 -16.68 11.24
C ALA B 288 -27.39 -16.39 10.83
N LEU B 289 -26.89 -17.09 9.81
CA LEU B 289 -25.56 -16.85 9.26
C LEU B 289 -25.66 -16.90 7.75
N PRO B 290 -25.88 -15.75 7.12
CA PRO B 290 -25.90 -15.72 5.64
C PRO B 290 -24.51 -15.85 5.05
N THR B 291 -24.46 -16.36 3.83
CA THR B 291 -23.21 -16.56 3.10
C THR B 291 -23.54 -16.55 1.61
N PRO B 292 -22.55 -16.31 0.74
CA PRO B 292 -22.83 -16.29 -0.71
C PRO B 292 -23.34 -17.64 -1.20
N ALA B 293 -24.14 -17.58 -2.29
CA ALA B 293 -24.72 -18.79 -2.86
C ALA B 293 -23.64 -19.78 -3.26
N LYS B 294 -22.51 -19.28 -3.79
CA LYS B 294 -21.38 -20.13 -4.12
C LYS B 294 -20.38 -20.24 -2.98
N GLY B 295 -20.76 -19.79 -1.79
CA GLY B 295 -19.95 -19.98 -0.60
C GLY B 295 -18.76 -19.04 -0.54
N CYS B 296 -18.25 -18.87 0.67
CA CYS B 296 -17.02 -18.14 0.92
C CYS B 296 -16.49 -18.53 2.29
N ALA B 297 -15.16 -18.56 2.39
CA ALA B 297 -14.53 -18.87 3.68
C ALA B 297 -14.86 -17.79 4.69
N GLY B 298 -15.29 -18.23 5.88
CA GLY B 298 -15.52 -17.35 7.00
C GLY B 298 -14.71 -17.76 8.20
N SER B 299 -14.85 -16.98 9.28
CA SER B 299 -14.00 -17.13 10.45
C SER B 299 -14.85 -17.18 11.71
N VAL B 300 -14.33 -17.86 12.74
CA VAL B 300 -15.00 -17.97 14.03
C VAL B 300 -13.97 -17.76 15.13
N ILE B 301 -14.45 -17.27 16.28
CA ILE B 301 -13.61 -17.03 17.44
C ILE B 301 -14.52 -16.86 18.64
N VAL B 302 -13.96 -17.00 19.84
CA VAL B 302 -14.72 -16.93 21.08
C VAL B 302 -14.03 -15.94 22.02
N LYS B 303 -14.82 -15.10 22.68
CA LYS B 303 -14.30 -14.21 23.71
C LYS B 303 -15.33 -14.07 24.81
N ASP B 304 -14.93 -14.42 26.04
CA ASP B 304 -15.75 -14.24 27.23
C ASP B 304 -17.16 -14.79 27.03
N GLY B 305 -17.22 -16.08 26.71
CA GLY B 305 -18.50 -16.76 26.60
C GLY B 305 -19.37 -16.34 25.44
N TRP B 306 -18.81 -15.61 24.48
CA TRP B 306 -19.54 -15.21 23.28
C TRP B 306 -18.84 -15.77 22.05
N MET B 307 -19.63 -16.23 21.09
CA MET B 307 -19.11 -16.79 19.85
C MET B 307 -19.33 -15.79 18.71
N TYR B 308 -18.32 -15.66 17.85
CA TYR B 308 -18.35 -14.72 16.75
C TYR B 308 -18.12 -15.44 15.43
N TYR B 309 -18.92 -15.10 14.43
CA TYR B 309 -18.65 -15.47 13.05
C TYR B 309 -18.49 -14.20 12.23
N CYS B 310 -17.53 -14.20 11.30
CA CYS B 310 -17.30 -13.06 10.44
C CYS B 310 -17.07 -13.55 9.01
N GLY B 311 -17.83 -12.99 8.08
CA GLY B 311 -17.63 -13.33 6.68
C GLY B 311 -18.54 -12.53 5.80
N ALA B 312 -18.56 -12.91 4.52
CA ALA B 312 -19.38 -12.22 3.55
C ALA B 312 -20.84 -12.67 3.68
N LYS B 313 -21.74 -11.69 3.67
CA LYS B 313 -23.17 -11.97 3.74
C LYS B 313 -23.68 -12.56 2.44
N GLY B 314 -23.07 -12.19 1.31
CA GLY B 314 -23.52 -12.64 0.02
C GLY B 314 -24.44 -11.65 -0.66
N ILE B 315 -24.19 -11.41 -1.95
CA ILE B 315 -25.05 -10.58 -2.77
C ILE B 315 -25.42 -11.35 -4.03
N ILE B 316 -26.28 -10.76 -4.84
CA ILE B 316 -26.67 -11.38 -6.10
C ILE B 316 -25.55 -11.18 -7.10
N GLU B 317 -24.97 -12.28 -7.58
CA GLU B 317 -23.90 -12.19 -8.55
C GLU B 317 -24.44 -11.67 -9.88
N THR B 318 -23.58 -10.96 -10.60
CA THR B 318 -23.91 -10.50 -11.94
C THR B 318 -22.75 -10.82 -12.88
N THR B 319 -22.83 -10.36 -14.12
CA THR B 319 -21.74 -10.58 -15.06
C THR B 319 -20.50 -9.80 -14.66
N ALA B 320 -20.66 -8.72 -13.89
CA ALA B 320 -19.52 -7.87 -13.53
C ALA B 320 -18.78 -8.42 -12.32
N HIS B 321 -19.50 -8.80 -11.26
CA HIS B 321 -18.90 -9.17 -9.99
C HIS B 321 -19.51 -10.46 -9.46
N ASP B 322 -18.79 -11.10 -8.55
CA ASP B 322 -19.25 -12.35 -7.94
C ASP B 322 -20.28 -12.02 -6.87
N ASP B 323 -20.63 -13.00 -6.04
CA ASP B 323 -21.66 -12.84 -5.04
C ASP B 323 -21.08 -12.48 -3.66
N ARG B 324 -19.79 -12.20 -3.57
CA ARG B 324 -19.11 -12.02 -2.28
C ARG B 324 -19.12 -10.54 -1.92
N GLY B 325 -20.12 -10.15 -1.12
CA GLY B 325 -20.26 -8.77 -0.69
C GLY B 325 -20.89 -8.67 0.68
N ILE B 326 -20.62 -7.54 1.32
CA ILE B 326 -21.22 -7.17 2.61
C ILE B 326 -20.56 -7.93 3.76
N LEU B 327 -19.39 -7.47 4.17
CA LEU B 327 -18.77 -8.01 5.37
C LEU B 327 -19.63 -7.73 6.59
N TYR B 328 -19.89 -8.78 7.38
CA TYR B 328 -20.69 -8.64 8.58
C TYR B 328 -20.05 -9.42 9.72
N LEU B 329 -20.51 -9.14 10.94
CA LEU B 329 -20.09 -9.84 12.14
C LEU B 329 -21.32 -10.26 12.91
N ALA B 330 -21.35 -11.52 13.33
CA ALA B 330 -22.46 -12.06 14.10
C ALA B 330 -21.94 -12.48 15.47
N LYS B 331 -22.84 -12.52 16.45
CA LYS B 331 -22.50 -12.90 17.81
C LYS B 331 -23.61 -13.75 18.40
N ALA B 332 -23.22 -14.72 19.22
CA ALA B 332 -24.18 -15.60 19.87
C ALA B 332 -23.67 -15.92 21.27
N LYS B 333 -24.59 -15.94 22.23
CA LYS B 333 -24.23 -16.22 23.62
C LYS B 333 -24.33 -17.72 23.86
N PHE B 334 -23.22 -18.32 24.31
CA PHE B 334 -23.23 -19.72 24.72
C PHE B 334 -24.14 -19.87 25.93
N PHE B 335 -24.93 -20.97 25.96
CA PHE B 335 -25.89 -21.11 27.06
C PHE B 335 -26.09 -22.53 27.59
N GLY B 336 -25.61 -23.57 26.92
CA GLY B 336 -25.82 -24.92 27.40
C GLY B 336 -24.54 -25.72 27.36
N GLY B 337 -23.47 -25.12 27.86
CA GLY B 337 -22.14 -25.63 27.63
C GLY B 337 -21.55 -24.97 26.40
N HIS B 338 -21.95 -25.42 25.22
CA HIS B 338 -21.49 -24.82 23.97
C HIS B 338 -22.64 -24.63 22.99
N SER B 339 -23.89 -24.71 23.45
CA SER B 339 -25.02 -24.33 22.61
C SER B 339 -24.99 -22.83 22.39
N HIS B 340 -25.60 -22.40 21.28
CA HIS B 340 -25.60 -20.98 20.94
C HIS B 340 -26.57 -20.74 19.79
N THR B 341 -27.01 -19.49 19.66
CA THR B 341 -27.93 -19.11 18.61
C THR B 341 -27.59 -17.69 18.17
N PHE B 342 -27.16 -17.55 16.91
CA PHE B 342 -26.88 -16.23 16.36
C PHE B 342 -28.19 -15.51 16.09
N ASP B 343 -28.40 -14.37 16.73
CA ASP B 343 -29.58 -13.57 16.43
C ASP B 343 -29.31 -12.66 15.24
N PRO B 344 -30.13 -12.70 14.19
CA PRO B 344 -29.92 -11.76 13.08
C PRO B 344 -29.98 -10.30 13.51
N ALA B 345 -30.69 -9.99 14.59
CA ALA B 345 -30.73 -8.61 15.08
C ALA B 345 -29.38 -8.16 15.62
N ASP B 346 -28.54 -9.10 16.05
CA ASP B 346 -27.22 -8.81 16.58
C ASP B 346 -26.15 -8.81 15.49
N HIS B 347 -26.55 -8.86 14.23
CA HIS B 347 -25.58 -8.74 13.14
C HIS B 347 -25.08 -7.30 13.05
N MET B 348 -23.77 -7.16 12.81
CA MET B 348 -23.13 -5.86 12.67
C MET B 348 -22.41 -5.82 11.33
N VAL B 349 -22.92 -4.98 10.42
CA VAL B 349 -22.29 -4.82 9.13
C VAL B 349 -21.01 -4.01 9.28
N LEU B 350 -19.95 -4.43 8.60
CA LEU B 350 -18.66 -3.77 8.70
C LEU B 350 -18.21 -3.10 7.42
N TYR B 351 -18.79 -3.47 6.27
CA TYR B 351 -18.33 -2.98 4.98
C TYR B 351 -19.34 -3.40 3.92
N ASP B 352 -19.89 -2.44 3.20
CA ASP B 352 -21.05 -2.72 2.36
C ASP B 352 -20.69 -3.26 0.99
N LYS B 353 -19.42 -3.22 0.60
CA LYS B 353 -19.03 -3.63 -0.73
C LYS B 353 -18.40 -5.02 -0.74
N ALA B 354 -17.50 -5.29 -1.68
CA ALA B 354 -16.95 -6.63 -1.84
C ALA B 354 -16.24 -7.06 -0.57
N ALA B 355 -16.59 -8.26 -0.08
CA ALA B 355 -16.02 -8.82 1.13
C ALA B 355 -15.88 -10.33 0.93
N GLY B 356 -14.70 -10.87 1.25
CA GLY B 356 -14.43 -12.27 1.02
C GLY B 356 -13.94 -13.04 2.23
N TYR B 357 -12.74 -13.60 2.12
CA TYR B 357 -12.19 -14.44 3.18
C TYR B 357 -11.84 -13.58 4.40
N THR B 358 -12.02 -14.16 5.58
CA THR B 358 -11.83 -13.42 6.83
C THR B 358 -11.05 -14.27 7.82
N CYS B 359 -10.50 -13.59 8.82
CA CYS B 359 -9.86 -14.23 9.97
C CYS B 359 -9.93 -13.27 11.14
N MET B 360 -9.89 -13.81 12.35
CA MET B 360 -10.02 -13.01 13.56
C MET B 360 -8.93 -13.40 14.55
N ALA B 361 -8.62 -12.47 15.44
CA ALA B 361 -7.66 -12.72 16.51
C ALA B 361 -8.05 -11.82 17.68
N LEU B 362 -7.58 -12.19 18.87
CA LEU B 362 -7.90 -11.47 20.09
C LEU B 362 -6.69 -10.67 20.55
N LEU B 363 -6.91 -9.45 20.88
CA LEU B 363 -5.83 -8.60 21.33
C LEU B 363 -5.82 -8.51 22.85
N PRO B 364 -4.66 -8.35 23.46
CA PRO B 364 -4.58 -8.41 24.93
C PRO B 364 -5.40 -7.32 25.62
N ASP B 365 -5.59 -6.17 24.99
CA ASP B 365 -6.31 -5.07 25.61
C ASP B 365 -7.82 -5.22 25.52
N GLY B 366 -8.31 -6.39 25.12
CA GLY B 366 -9.73 -6.63 25.03
C GLY B 366 -10.33 -6.30 23.67
N ASP B 367 -9.54 -5.75 22.75
CA ASP B 367 -10.04 -5.44 21.43
C ASP B 367 -10.07 -6.70 20.57
N MET B 368 -10.66 -6.58 19.39
CA MET B 368 -10.81 -7.69 18.45
C MET B 368 -10.26 -7.25 17.12
N ALA B 369 -9.28 -7.99 16.60
CA ALA B 369 -8.67 -7.71 15.31
C ALA B 369 -9.30 -8.60 14.25
N ILE B 370 -9.74 -7.99 13.16
CA ILE B 370 -10.36 -8.68 12.04
C ILE B 370 -9.65 -8.27 10.76
N VAL B 371 -9.23 -9.26 9.98
CA VAL B 371 -8.65 -9.03 8.66
C VAL B 371 -9.60 -9.62 7.63
N ALA B 372 -9.71 -8.95 6.48
CA ALA B 372 -10.72 -9.34 5.50
C ALA B 372 -10.26 -8.97 4.09
N GLU B 373 -10.68 -9.80 3.13
CA GLU B 373 -10.55 -9.48 1.71
C GLU B 373 -11.65 -8.49 1.35
N LEU B 374 -11.29 -7.33 0.83
CA LEU B 374 -12.29 -6.36 0.44
C LEU B 374 -12.03 -5.82 -0.95
N GLY B 375 -13.10 -5.37 -1.61
CA GLY B 375 -13.00 -4.69 -2.87
C GLY B 375 -14.02 -3.56 -2.92
N ASN B 376 -13.97 -2.78 -3.99
CA ASN B 376 -14.75 -1.55 -4.06
C ASN B 376 -16.00 -1.70 -4.92
N GLU B 377 -16.09 -2.75 -5.74
CA GLU B 377 -17.37 -3.07 -6.36
C GLU B 377 -18.23 -3.88 -5.39
N PRO B 378 -19.54 -3.94 -5.61
CA PRO B 378 -20.40 -4.69 -4.68
C PRO B 378 -19.91 -6.11 -4.47
N GLY B 379 -19.32 -6.71 -5.50
CA GLY B 379 -18.59 -7.94 -5.37
C GLY B 379 -17.21 -7.81 -5.99
N PHE B 380 -16.48 -8.91 -5.98
CA PHE B 380 -15.16 -8.93 -6.60
C PHE B 380 -15.28 -9.13 -8.10
N GLN B 381 -14.36 -8.50 -8.84
CA GLN B 381 -14.47 -8.39 -10.28
C GLN B 381 -14.11 -9.71 -10.96
N LYS B 382 -14.74 -9.95 -12.11
CA LYS B 382 -14.68 -11.24 -12.77
C LYS B 382 -13.77 -11.26 -13.99
N LEU B 383 -13.05 -10.18 -14.25
CA LEU B 383 -12.32 -10.08 -15.51
C LEU B 383 -11.13 -11.03 -15.54
N SER B 384 -10.76 -11.45 -16.76
CA SER B 384 -9.59 -12.30 -16.93
C SER B 384 -8.35 -11.65 -16.30
N THR B 385 -8.17 -10.36 -16.55
CA THR B 385 -7.16 -9.55 -15.86
C THR B 385 -7.90 -8.45 -15.13
N ARG B 386 -7.57 -8.29 -13.85
CA ARG B 386 -8.29 -7.35 -13.00
C ARG B 386 -7.36 -6.24 -12.56
N PRO B 387 -7.89 -5.03 -12.37
CA PRO B 387 -7.02 -3.87 -12.19
C PRO B 387 -6.36 -3.86 -10.82
N ALA B 388 -5.33 -3.01 -10.70
CA ALA B 388 -4.73 -2.78 -9.39
C ALA B 388 -5.81 -2.42 -8.39
N GLU B 389 -5.63 -2.88 -7.14
CA GLU B 389 -6.55 -2.60 -6.05
C GLU B 389 -7.95 -3.21 -6.28
N TRP B 390 -8.03 -4.26 -7.10
CA TRP B 390 -9.28 -4.99 -7.22
C TRP B 390 -9.62 -5.76 -5.94
N MET B 391 -8.64 -5.98 -5.08
CA MET B 391 -8.88 -6.57 -3.76
C MET B 391 -7.77 -6.12 -2.82
N ARG B 392 -8.13 -5.89 -1.56
CA ARG B 392 -7.16 -5.60 -0.52
C ARG B 392 -7.46 -6.43 0.72
N LEU B 393 -6.45 -6.60 1.57
CA LEU B 393 -6.59 -7.26 2.86
C LEU B 393 -6.62 -6.15 3.92
N GLU B 394 -7.81 -5.84 4.43
CA GLU B 394 -8.00 -4.70 5.32
C GLU B 394 -8.14 -5.18 6.76
N LEU B 395 -7.41 -4.53 7.66
CA LEU B 395 -7.49 -4.87 9.08
C LEU B 395 -8.50 -3.97 9.77
N PHE B 396 -9.42 -4.59 10.50
CA PHE B 396 -10.36 -3.89 11.36
C PHE B 396 -9.95 -4.16 12.80
N ILE B 397 -9.94 -3.12 13.63
CA ILE B 397 -9.79 -3.28 15.08
C ILE B 397 -11.07 -2.81 15.73
N LEU B 398 -11.74 -3.72 16.44
CA LEU B 398 -13.01 -3.45 17.08
C LEU B 398 -12.82 -3.37 18.58
N SER B 399 -13.59 -2.49 19.22
CA SER B 399 -13.47 -2.25 20.64
C SER B 399 -14.86 -2.21 21.26
N THR B 400 -14.96 -2.66 22.50
CA THR B 400 -16.19 -2.65 23.26
C THR B 400 -16.20 -1.41 24.16
#